data_5OFR
#
_entry.id   5OFR
#
_cell.length_a   235.290
_cell.length_b   105.040
_cell.length_c   117.370
_cell.angle_alpha   90.00
_cell.angle_beta   105.55
_cell.angle_gamma   90.00
#
_symmetry.space_group_name_H-M   'C 1 2 1'
#
loop_
_entity.id
_entity.type
_entity.pdbx_description
1 polymer 'Microcin-J25 export ATP-binding/permease protein McjD'
2 non-polymer "ADENOSINE-5'-DIPHOSPHATE"
3 non-polymer 'MAGNESIUM ION'
4 non-polymer 'VANADATE ION'
#
_entity_poly.entity_id   1
_entity_poly.type   'polypeptide(L)'
_entity_poly.pdbx_seq_one_letter_code
;MERKQKNSLFNYIYSLMDVRGKFLFFSMLFITSLSSIIISISPLILAKITDLLSGSLSNFSYEYLVLLACLYMFCVISNK
ASVFLFMILQSSLRINMQKKMSLKYLRELYNENITNLSKNNAGYTTQSLNQASNDIYILVRNVSQNILSPVIQLISTIVV
VLSTKDWFSAGVFFLYILVFVIFNTRLTGSLASLRKHSMDITLNSYSLLSDTVDNMIAAKKNNALRLISERYEDALTQEN
NAQKKYWLLSSKVLLLNSLLAVILFGSVFIYNILGVLNGVVSIGHFIMITSYIILLSTPVENIGALLSEIRQSMSSLAGF
IQRHAENKATSPSIPFLNMERKLNLSIRELSFSYSDDKKILNSVSLDLFTGKMYSLTGPSGSGKSTLVKIISGYYKNYFG
DIYLNDISLRNISDEDLNDAIYYLTQDDYIFMDTLRFNLRLANYDASENEIFKVLKLANLSVVNNEPVSLDTHLINRGNN
YSGGQKQRISLARLFLRKPAIIIIDEATSALDYINESEILSSIRTHFPDALIINISHRINLLECSDCVYVLNEGNIVASG
HFRDLMVSNEYISGLASVTE
;
_entity_poly.pdbx_strand_id   A,B
#
loop_
_chem_comp.id
_chem_comp.type
_chem_comp.name
_chem_comp.formula
ADP non-polymer ADENOSINE-5'-DIPHOSPHATE 'C10 H15 N5 O10 P2'
MG non-polymer 'MAGNESIUM ION' 'Mg 2'
VO4 non-polymer 'VANADATE ION' 'O4 V -3'
#
# COMPACT_ATOMS: atom_id res chain seq x y z
N LEU A 9 16.11 4.29 -18.60
CA LEU A 9 14.83 4.69 -18.02
C LEU A 9 13.70 4.70 -19.06
N PHE A 10 13.89 5.45 -20.17
CA PHE A 10 12.89 5.55 -21.24
C PHE A 10 12.76 4.24 -22.00
N ASN A 11 13.83 3.43 -22.03
CA ASN A 11 13.80 2.11 -22.64
C ASN A 11 12.90 1.18 -21.81
N TYR A 12 12.96 1.32 -20.46
CA TYR A 12 12.13 0.58 -19.52
C TYR A 12 10.66 0.95 -19.69
N ILE A 13 10.34 2.24 -19.87
CA ILE A 13 8.95 2.70 -20.03
C ILE A 13 8.44 2.22 -21.39
N TYR A 14 9.28 2.28 -22.42
CA TYR A 14 8.94 1.86 -23.78
C TYR A 14 8.61 0.35 -23.82
N SER A 15 9.40 -0.47 -23.11
CA SER A 15 9.25 -1.92 -23.02
C SER A 15 7.90 -2.34 -22.41
N LEU A 16 7.32 -1.49 -21.54
CA LEU A 16 6.01 -1.70 -20.87
C LEU A 16 4.83 -1.53 -21.84
N MET A 17 5.09 -1.00 -23.04
CA MET A 17 4.07 -0.77 -24.06
C MET A 17 4.05 -1.90 -25.12
N ASP A 18 2.89 -2.58 -25.24
CA ASP A 18 2.68 -3.59 -26.28
C ASP A 18 2.32 -2.86 -27.60
N VAL A 19 1.72 -3.54 -28.60
CA VAL A 19 1.39 -2.85 -29.85
C VAL A 19 0.33 -1.80 -29.58
N ARG A 20 -0.77 -2.16 -28.86
CA ARG A 20 -1.84 -1.22 -28.52
C ARG A 20 -1.27 -0.05 -27.72
N GLY A 21 -0.31 -0.33 -26.84
CA GLY A 21 0.36 0.68 -26.02
C GLY A 21 1.16 1.69 -26.83
N LYS A 22 1.85 1.21 -27.89
CA LYS A 22 2.66 2.08 -28.73
C LYS A 22 1.77 2.97 -29.59
N PHE A 23 0.65 2.44 -30.12
CA PHE A 23 -0.33 3.19 -30.90
C PHE A 23 -0.92 4.32 -30.08
N LEU A 24 -1.49 3.98 -28.89
CA LEU A 24 -2.10 4.92 -27.95
C LEU A 24 -1.12 6.04 -27.59
N PHE A 25 0.17 5.71 -27.40
CA PHE A 25 1.19 6.70 -27.10
C PHE A 25 1.45 7.64 -28.29
N PHE A 26 1.57 7.10 -29.52
CA PHE A 26 1.85 7.92 -30.70
C PHE A 26 0.63 8.74 -31.09
N SER A 27 -0.59 8.19 -30.93
CA SER A 27 -1.85 8.89 -31.16
C SER A 27 -1.93 10.10 -30.24
N MET A 28 -1.56 9.91 -28.96
CA MET A 28 -1.50 10.97 -27.95
C MET A 28 -0.52 12.08 -28.37
N LEU A 29 0.66 11.71 -28.94
CA LEU A 29 1.66 12.66 -29.39
C LEU A 29 1.19 13.41 -30.64
N PHE A 30 0.61 12.69 -31.62
CA PHE A 30 0.10 13.23 -32.87
C PHE A 30 -1.01 14.28 -32.62
N ILE A 31 -2.13 13.86 -31.98
CA ILE A 31 -3.29 14.69 -31.66
C ILE A 31 -2.86 15.95 -30.89
N THR A 32 -1.94 15.83 -29.92
CA THR A 32 -1.43 16.98 -29.15
C THR A 32 -0.67 17.96 -30.08
N SER A 33 0.08 17.42 -31.06
CA SER A 33 0.88 18.19 -32.02
C SER A 33 0.00 18.86 -33.07
N LEU A 34 -0.96 18.12 -33.65
CA LEU A 34 -1.90 18.62 -34.65
C LEU A 34 -2.71 19.80 -34.09
N SER A 35 -3.26 19.67 -32.87
CA SER A 35 -4.06 20.72 -32.24
C SER A 35 -3.27 21.99 -31.93
N SER A 36 -1.94 21.88 -31.67
CA SER A 36 -1.15 23.07 -31.40
C SER A 36 -0.87 23.84 -32.69
N ILE A 37 -0.82 23.13 -33.85
CA ILE A 37 -0.65 23.73 -35.19
C ILE A 37 -1.91 24.57 -35.44
N ILE A 38 -3.08 23.91 -35.38
CA ILE A 38 -4.37 24.52 -35.59
C ILE A 38 -4.57 25.75 -34.68
N ILE A 39 -4.41 25.60 -33.35
CA ILE A 39 -4.64 26.72 -32.44
C ILE A 39 -3.59 27.87 -32.63
N SER A 40 -2.44 27.62 -33.31
CA SER A 40 -1.48 28.72 -33.50
C SER A 40 -1.88 29.67 -34.65
N ILE A 41 -2.89 29.31 -35.45
CA ILE A 41 -3.41 30.16 -36.52
C ILE A 41 -4.31 31.21 -35.86
N SER A 42 -5.11 30.79 -34.84
CA SER A 42 -6.13 31.55 -34.07
C SER A 42 -5.89 33.06 -33.86
N PRO A 43 -4.75 33.62 -33.35
CA PRO A 43 -4.66 35.07 -33.17
C PRO A 43 -4.69 35.85 -34.50
N LEU A 44 -4.25 35.25 -35.63
CA LEU A 44 -4.29 35.87 -36.95
C LEU A 44 -5.72 35.98 -37.46
N ILE A 45 -6.56 34.99 -37.17
CA ILE A 45 -7.98 34.99 -37.55
C ILE A 45 -8.69 36.10 -36.75
N LEU A 46 -8.27 36.31 -35.49
CA LEU A 46 -8.83 37.37 -34.65
C LEU A 46 -8.45 38.73 -35.19
N ALA A 47 -7.19 38.89 -35.66
CA ALA A 47 -6.67 40.11 -36.29
C ALA A 47 -7.53 40.48 -37.50
N LYS A 48 -7.66 39.54 -38.49
CA LYS A 48 -8.50 39.71 -39.67
C LYS A 48 -9.92 40.12 -39.27
N ILE A 49 -10.52 39.50 -38.23
CA ILE A 49 -11.85 39.89 -37.76
C ILE A 49 -11.79 41.34 -37.22
N THR A 50 -10.73 41.74 -36.47
CA THR A 50 -10.61 43.12 -35.99
C THR A 50 -10.40 44.09 -37.18
N ASP A 51 -9.63 43.68 -38.22
CA ASP A 51 -9.36 44.44 -39.45
C ASP A 51 -10.67 44.80 -40.17
N LEU A 52 -11.53 43.79 -40.40
CA LEU A 52 -12.83 43.90 -41.04
C LEU A 52 -13.77 44.85 -40.31
N LEU A 53 -13.79 44.81 -38.95
CA LEU A 53 -14.66 45.67 -38.11
C LEU A 53 -14.37 47.16 -38.31
N SER A 54 -13.08 47.52 -38.51
CA SER A 54 -12.52 48.84 -38.78
C SER A 54 -11.98 48.86 -40.23
N GLY A 55 -12.77 48.32 -41.17
CA GLY A 55 -12.30 48.28 -42.56
C GLY A 55 -13.22 48.16 -43.75
N SER A 56 -13.33 46.94 -44.31
CA SER A 56 -13.99 46.63 -45.57
C SER A 56 -15.50 46.45 -45.51
N LEU A 57 -16.08 45.86 -44.41
CA LEU A 57 -17.47 45.43 -44.08
C LEU A 57 -18.58 45.68 -45.20
N SER A 58 -18.28 45.29 -46.47
CA SER A 58 -19.20 45.23 -47.62
C SER A 58 -19.91 43.86 -47.54
N ASN A 59 -20.91 43.55 -48.39
CA ASN A 59 -21.61 42.22 -48.37
C ASN A 59 -20.60 41.03 -48.27
N PHE A 60 -19.53 41.10 -49.10
CA PHE A 60 -18.44 40.13 -49.22
C PHE A 60 -17.53 40.18 -47.98
N SER A 61 -17.27 41.38 -47.43
CA SER A 61 -16.51 41.54 -46.21
C SER A 61 -17.35 41.03 -44.97
N TYR A 62 -18.71 41.05 -45.01
CA TYR A 62 -19.59 40.45 -43.98
C TYR A 62 -19.52 38.92 -44.08
N GLU A 63 -19.59 38.39 -45.32
CA GLU A 63 -19.47 36.96 -45.59
C GLU A 63 -18.05 36.47 -45.16
N TYR A 64 -16.98 37.27 -45.41
CA TYR A 64 -15.59 36.97 -45.01
C TYR A 64 -15.44 36.97 -43.49
N LEU A 65 -16.20 37.80 -42.77
CA LEU A 65 -16.21 37.88 -41.29
C LEU A 65 -16.81 36.62 -40.71
N VAL A 66 -17.89 36.11 -41.33
CA VAL A 66 -18.58 34.90 -40.91
C VAL A 66 -17.65 33.67 -41.16
N LEU A 67 -17.11 33.50 -42.40
CA LEU A 67 -16.18 32.42 -42.75
C LEU A 67 -14.98 32.44 -41.81
N LEU A 68 -14.50 33.64 -41.43
CA LEU A 68 -13.41 33.82 -40.47
C LEU A 68 -13.84 33.35 -39.09
N ALA A 69 -15.06 33.76 -38.62
CA ALA A 69 -15.61 33.35 -37.32
C ALA A 69 -15.81 31.86 -37.25
N CYS A 70 -16.13 31.22 -38.40
CA CYS A 70 -16.27 29.78 -38.46
C CYS A 70 -14.91 29.10 -38.33
N LEU A 71 -13.84 29.68 -38.94
CA LEU A 71 -12.50 29.12 -38.83
C LEU A 71 -12.01 29.19 -37.39
N TYR A 72 -12.28 30.30 -36.67
CA TYR A 72 -11.91 30.43 -35.26
C TYR A 72 -12.67 29.40 -34.42
N MET A 73 -13.94 29.13 -34.76
CA MET A 73 -14.71 28.15 -34.05
C MET A 73 -14.15 26.76 -34.29
N PHE A 74 -13.75 26.44 -35.55
CA PHE A 74 -13.13 25.17 -35.92
C PHE A 74 -11.88 24.96 -35.07
N CYS A 75 -11.06 26.02 -34.92
CA CYS A 75 -9.85 25.99 -34.11
C CYS A 75 -10.20 25.59 -32.68
N VAL A 76 -11.09 26.35 -32.03
CA VAL A 76 -11.55 26.12 -30.66
C VAL A 76 -12.17 24.70 -30.51
N ILE A 77 -13.05 24.26 -31.45
CA ILE A 77 -13.68 22.94 -31.38
C ILE A 77 -12.61 21.85 -31.52
N SER A 78 -11.77 21.92 -32.58
CA SER A 78 -10.74 20.91 -32.81
C SER A 78 -9.76 20.81 -31.62
N ASN A 79 -9.38 21.96 -31.02
CA ASN A 79 -8.51 21.98 -29.86
C ASN A 79 -9.19 21.28 -28.67
N LYS A 80 -10.50 21.51 -28.43
CA LYS A 80 -11.17 20.84 -27.31
C LYS A 80 -11.39 19.34 -27.60
N ALA A 81 -11.78 19.00 -28.83
CA ALA A 81 -11.95 17.60 -29.19
C ALA A 81 -10.63 16.85 -28.93
N SER A 82 -9.49 17.48 -29.27
CA SER A 82 -8.14 16.97 -29.05
C SER A 82 -7.85 16.71 -27.57
N VAL A 83 -8.29 17.61 -26.67
CA VAL A 83 -8.11 17.46 -25.22
C VAL A 83 -8.88 16.23 -24.74
N PHE A 84 -10.15 16.09 -25.12
CA PHE A 84 -10.97 14.95 -24.73
C PHE A 84 -10.41 13.64 -25.30
N LEU A 85 -9.99 13.66 -26.57
CA LEU A 85 -9.39 12.50 -27.20
C LEU A 85 -8.07 12.12 -26.51
N PHE A 86 -7.25 13.11 -26.11
CA PHE A 86 -6.01 12.80 -25.40
C PHE A 86 -6.27 12.14 -24.08
N MET A 87 -7.23 12.63 -23.27
CA MET A 87 -7.45 12.02 -21.96
C MET A 87 -8.05 10.61 -22.08
N ILE A 88 -8.88 10.34 -23.12
CA ILE A 88 -9.39 8.99 -23.40
C ILE A 88 -8.22 8.04 -23.69
N LEU A 89 -7.25 8.47 -24.53
CA LEU A 89 -6.11 7.65 -24.91
C LEU A 89 -5.17 7.45 -23.74
N GLN A 90 -4.98 8.48 -22.91
CA GLN A 90 -4.12 8.44 -21.74
C GLN A 90 -4.57 7.35 -20.75
N SER A 91 -5.88 7.36 -20.37
CA SER A 91 -6.43 6.33 -19.46
C SER A 91 -6.31 4.95 -20.09
N SER A 92 -6.58 4.83 -21.41
CA SER A 92 -6.43 3.54 -22.11
C SER A 92 -5.00 3.05 -22.01
N LEU A 93 -4.03 3.96 -22.23
CA LEU A 93 -2.61 3.66 -22.12
C LEU A 93 -2.21 3.33 -20.66
N ARG A 94 -2.80 4.01 -19.65
CA ARG A 94 -2.49 3.73 -18.25
C ARG A 94 -2.83 2.27 -17.96
N ILE A 95 -4.09 1.87 -18.27
CA ILE A 95 -4.64 0.52 -18.12
C ILE A 95 -3.70 -0.48 -18.78
N ASN A 96 -3.35 -0.21 -20.04
CA ASN A 96 -2.50 -1.03 -20.87
C ASN A 96 -1.12 -1.30 -20.21
N MET A 97 -0.39 -0.25 -19.85
CA MET A 97 0.94 -0.36 -19.26
C MET A 97 0.96 -0.93 -17.83
N GLN A 98 -0.13 -0.73 -17.07
CA GLN A 98 -0.29 -1.14 -15.67
C GLN A 98 0.11 -2.62 -15.39
N LYS A 99 -0.57 -3.59 -16.03
CA LYS A 99 -0.34 -5.02 -15.84
C LYS A 99 1.14 -5.41 -16.05
N LYS A 100 1.69 -5.10 -17.26
CA LYS A 100 3.07 -5.41 -17.65
C LYS A 100 4.07 -4.91 -16.62
N MET A 101 3.84 -3.71 -16.09
CA MET A 101 4.68 -3.05 -15.07
C MET A 101 4.66 -3.83 -13.75
N SER A 102 3.46 -4.20 -13.26
CA SER A 102 3.26 -4.89 -12.02
C SER A 102 3.90 -6.30 -12.01
N LEU A 103 3.71 -7.10 -13.08
CA LEU A 103 4.30 -8.43 -13.13
C LEU A 103 5.85 -8.35 -13.16
N LYS A 104 6.43 -7.41 -13.96
CA LYS A 104 7.87 -7.15 -14.02
C LYS A 104 8.44 -6.93 -12.62
N TYR A 105 7.68 -6.25 -11.73
CA TYR A 105 8.05 -5.98 -10.34
C TYR A 105 8.06 -7.29 -9.52
N LEU A 106 6.96 -8.08 -9.60
CA LEU A 106 6.84 -9.35 -8.87
C LEU A 106 7.94 -10.30 -9.28
N ARG A 107 8.17 -10.43 -10.60
CA ARG A 107 9.22 -11.30 -11.15
C ARG A 107 10.58 -10.77 -10.72
N GLU A 108 10.73 -9.44 -10.63
CA GLU A 108 11.98 -8.85 -10.16
C GLU A 108 12.20 -9.12 -8.70
N LEU A 109 11.10 -9.18 -7.90
CA LEU A 109 11.18 -9.44 -6.46
C LEU A 109 11.53 -10.89 -6.16
N TYR A 110 11.04 -11.83 -6.99
CA TYR A 110 11.30 -13.26 -6.89
C TYR A 110 12.77 -13.54 -7.09
N ASN A 111 13.41 -12.79 -8.04
CA ASN A 111 14.81 -13.00 -8.40
C ASN A 111 15.80 -12.28 -7.48
N GLU A 112 15.32 -11.51 -6.50
CA GLU A 112 16.16 -10.86 -5.51
C GLU A 112 16.67 -11.87 -4.44
N ASN A 113 17.78 -11.54 -3.75
CA ASN A 113 18.36 -12.39 -2.70
C ASN A 113 17.60 -12.18 -1.39
N ILE A 114 17.50 -13.26 -0.54
CA ILE A 114 16.79 -13.31 0.76
C ILE A 114 17.20 -12.14 1.68
N THR A 115 18.51 -11.81 1.70
CA THR A 115 19.09 -10.74 2.52
C THR A 115 18.51 -9.37 2.13
N ASN A 116 18.36 -9.13 0.83
CA ASN A 116 17.82 -7.89 0.29
C ASN A 116 16.31 -7.82 0.44
N LEU A 117 15.65 -8.98 0.34
CA LEU A 117 14.20 -9.08 0.46
C LEU A 117 13.75 -8.73 1.87
N SER A 118 14.52 -9.22 2.87
CA SER A 118 14.26 -9.05 4.31
C SER A 118 14.40 -7.59 4.78
N LYS A 119 15.14 -6.77 3.99
CA LYS A 119 15.42 -5.36 4.25
C LYS A 119 14.15 -4.50 4.44
N ASN A 120 13.07 -4.74 3.65
CA ASN A 120 11.83 -3.93 3.73
C ASN A 120 10.55 -4.79 3.74
N ASN A 121 9.45 -4.26 4.34
CA ASN A 121 8.19 -5.01 4.45
C ASN A 121 7.30 -4.87 3.21
N ALA A 122 6.10 -5.51 3.28
CA ALA A 122 5.10 -5.50 2.22
C ALA A 122 4.51 -4.09 2.03
N GLY A 123 4.25 -3.37 3.12
CA GLY A 123 3.72 -2.01 3.09
C GLY A 123 4.58 -1.12 2.22
N TYR A 124 5.90 -1.22 2.43
CA TYR A 124 6.94 -0.54 1.68
C TYR A 124 6.93 -1.00 0.21
N THR A 125 7.14 -2.31 -0.07
CA THR A 125 7.18 -2.76 -1.47
C THR A 125 5.87 -2.42 -2.25
N THR A 126 4.72 -2.49 -1.59
CA THR A 126 3.41 -2.20 -2.18
C THR A 126 3.34 -0.71 -2.57
N GLN A 127 3.71 0.21 -1.64
CA GLN A 127 3.68 1.63 -1.94
C GLN A 127 4.84 2.05 -2.85
N SER A 128 5.88 1.23 -2.95
CA SER A 128 6.99 1.49 -3.84
C SER A 128 6.51 1.36 -5.28
N LEU A 129 5.66 0.34 -5.55
CA LEU A 129 5.08 0.10 -6.88
C LEU A 129 4.17 1.27 -7.25
N ASN A 130 3.41 1.76 -6.25
CA ASN A 130 2.50 2.88 -6.36
C ASN A 130 3.18 4.14 -6.87
N GLN A 131 4.29 4.52 -6.22
CA GLN A 131 5.10 5.68 -6.56
C GLN A 131 5.68 5.57 -7.98
N ALA A 132 6.28 4.40 -8.32
CA ALA A 132 6.82 4.14 -9.65
C ALA A 132 5.73 4.17 -10.74
N SER A 133 4.50 3.64 -10.47
CA SER A 133 3.35 3.66 -11.44
C SER A 133 3.04 5.09 -11.83
N ASN A 134 2.88 5.92 -10.81
CA ASN A 134 2.58 7.33 -10.91
C ASN A 134 3.74 8.07 -11.62
N ASP A 135 4.99 7.77 -11.24
CA ASP A 135 6.14 8.38 -11.91
C ASP A 135 6.19 8.05 -13.37
N ILE A 136 5.86 6.80 -13.78
CA ILE A 136 5.77 6.44 -15.20
C ILE A 136 4.70 7.30 -15.85
N TYR A 137 3.47 7.31 -15.28
CA TYR A 137 2.31 8.05 -15.78
C TYR A 137 2.68 9.49 -16.16
N ILE A 138 3.21 10.24 -15.19
CA ILE A 138 3.69 11.62 -15.33
C ILE A 138 4.64 11.69 -16.54
N LEU A 139 5.70 10.82 -16.56
CA LEU A 139 6.68 10.82 -17.66
C LEU A 139 6.02 10.57 -19.02
N VAL A 140 5.19 9.52 -19.14
CA VAL A 140 4.44 9.24 -20.38
C VAL A 140 3.69 10.50 -20.81
N ARG A 141 2.99 11.16 -19.88
CA ARG A 141 2.22 12.38 -20.13
C ARG A 141 3.13 13.54 -20.60
N ASN A 142 4.11 14.00 -19.77
CA ASN A 142 5.01 15.11 -20.12
C ASN A 142 5.68 14.91 -21.48
N VAL A 143 5.96 13.65 -21.88
CA VAL A 143 6.57 13.35 -23.17
C VAL A 143 5.51 13.48 -24.29
N SER A 144 4.37 12.79 -24.16
CA SER A 144 3.34 12.78 -25.19
C SER A 144 2.60 14.09 -25.35
N GLN A 145 2.67 15.01 -24.33
CA GLN A 145 1.91 16.27 -24.38
C GLN A 145 2.76 17.54 -24.31
N ASN A 146 3.77 17.59 -23.44
CA ASN A 146 4.53 18.83 -23.28
C ASN A 146 5.86 18.94 -24.05
N ILE A 147 6.01 18.26 -25.21
CA ILE A 147 7.26 18.41 -25.94
C ILE A 147 7.00 19.13 -27.29
N LEU A 148 6.35 18.47 -28.26
CA LEU A 148 6.09 19.07 -29.57
C LEU A 148 5.12 20.22 -29.49
N SER A 149 3.95 20.02 -28.83
CA SER A 149 2.89 21.03 -28.69
C SER A 149 3.39 22.43 -28.22
N PRO A 150 4.08 22.61 -27.05
CA PRO A 150 4.52 23.96 -26.69
C PRO A 150 5.54 24.53 -27.67
N VAL A 151 6.48 23.69 -28.19
CA VAL A 151 7.49 24.11 -29.16
C VAL A 151 6.77 24.71 -30.38
N ILE A 152 5.82 23.97 -30.99
CA ILE A 152 5.03 24.42 -32.13
C ILE A 152 4.39 25.80 -31.84
N GLN A 153 3.63 25.92 -30.73
CA GLN A 153 2.97 27.17 -30.33
C GLN A 153 3.94 28.29 -30.01
N LEU A 154 5.14 28.00 -29.50
CA LEU A 154 6.11 29.06 -29.19
C LEU A 154 6.87 29.50 -30.43
N ILE A 155 7.21 28.56 -31.34
CA ILE A 155 7.92 28.86 -32.58
C ILE A 155 7.03 29.76 -33.46
N SER A 156 5.82 29.27 -33.83
CA SER A 156 4.86 29.99 -34.67
C SER A 156 4.59 31.39 -34.14
N THR A 157 4.48 31.57 -32.80
CA THR A 157 4.26 32.88 -32.20
C THR A 157 5.40 33.82 -32.56
N ILE A 158 6.66 33.51 -32.19
CA ILE A 158 7.82 34.36 -32.51
C ILE A 158 7.94 34.54 -34.04
N VAL A 159 7.75 33.49 -34.86
CA VAL A 159 7.79 33.59 -36.32
C VAL A 159 6.77 34.65 -36.82
N VAL A 160 5.49 34.50 -36.46
CA VAL A 160 4.41 35.41 -36.90
C VAL A 160 4.61 36.85 -36.37
N VAL A 161 4.90 37.02 -35.07
CA VAL A 161 5.12 38.37 -34.50
C VAL A 161 6.40 38.99 -35.14
N LEU A 162 7.40 38.16 -35.50
CA LEU A 162 8.60 38.62 -36.21
C LEU A 162 8.22 39.07 -37.62
N SER A 163 7.31 38.32 -38.30
CA SER A 163 6.83 38.62 -39.65
C SER A 163 6.16 40.00 -39.73
N THR A 164 5.28 40.35 -38.77
CA THR A 164 4.59 41.66 -38.72
C THR A 164 5.58 42.79 -38.31
N LYS A 165 6.89 42.48 -38.30
CA LYS A 165 8.05 43.32 -37.99
C LYS A 165 7.92 44.04 -36.63
N ASP A 166 7.18 43.44 -35.65
CA ASP A 166 7.10 43.97 -34.30
C ASP A 166 8.28 43.38 -33.55
N TRP A 167 9.34 44.17 -33.34
CA TRP A 167 10.53 43.66 -32.69
C TRP A 167 10.39 43.68 -31.19
N PHE A 168 9.80 44.75 -30.59
CA PHE A 168 9.64 44.81 -29.13
C PHE A 168 8.78 43.67 -28.60
N SER A 169 7.65 43.34 -29.29
CA SER A 169 6.78 42.25 -28.85
C SER A 169 7.52 40.90 -28.96
N ALA A 170 7.92 40.48 -30.20
CA ALA A 170 8.65 39.24 -30.46
C ALA A 170 9.94 39.15 -29.66
N GLY A 171 10.51 40.31 -29.35
CA GLY A 171 11.72 40.43 -28.56
C GLY A 171 11.48 40.03 -27.12
N VAL A 172 10.56 40.75 -26.43
CA VAL A 172 10.18 40.51 -25.01
C VAL A 172 9.55 39.09 -24.89
N PHE A 173 8.81 38.63 -25.92
CA PHE A 173 8.24 37.29 -25.95
C PHE A 173 9.38 36.26 -25.88
N PHE A 174 10.37 36.34 -26.80
CA PHE A 174 11.54 35.46 -26.82
C PHE A 174 12.38 35.63 -25.56
N LEU A 175 12.42 36.85 -25.00
CA LEU A 175 13.15 37.11 -23.76
C LEU A 175 12.53 36.29 -22.64
N TYR A 176 11.18 36.30 -22.52
CA TYR A 176 10.47 35.56 -21.48
C TYR A 176 10.80 34.08 -21.54
N ILE A 177 10.63 33.41 -22.70
CA ILE A 177 10.93 31.97 -22.84
C ILE A 177 12.38 31.71 -22.45
N LEU A 178 13.30 32.62 -22.82
CA LEU A 178 14.70 32.46 -22.47
C LEU A 178 14.91 32.58 -20.96
N VAL A 179 14.42 33.65 -20.29
CA VAL A 179 14.57 33.85 -18.84
C VAL A 179 13.89 32.70 -18.09
N PHE A 180 12.70 32.29 -18.55
CA PHE A 180 11.91 31.21 -17.96
C PHE A 180 12.68 29.89 -17.96
N VAL A 181 13.05 29.35 -19.16
CA VAL A 181 13.78 28.07 -19.30
C VAL A 181 15.07 28.08 -18.48
N ILE A 182 15.76 29.22 -18.40
CA ILE A 182 16.99 29.32 -17.61
C ILE A 182 16.63 29.20 -16.11
N PHE A 183 15.86 30.17 -15.56
CA PHE A 183 15.46 30.25 -14.14
C PHE A 183 14.95 28.92 -13.58
N ASN A 184 14.07 28.26 -14.33
CA ASN A 184 13.43 27.03 -13.92
C ASN A 184 14.41 25.87 -13.88
N THR A 185 15.22 25.66 -14.94
CA THR A 185 16.22 24.58 -14.95
C THR A 185 17.22 24.75 -13.81
N ARG A 186 17.44 26.02 -13.38
CA ARG A 186 18.33 26.31 -12.25
C ARG A 186 17.72 25.80 -10.93
N LEU A 187 16.37 25.68 -10.85
CA LEU A 187 15.73 25.23 -9.62
C LEU A 187 15.09 23.83 -9.70
N THR A 188 15.07 23.19 -10.90
CA THR A 188 14.46 21.87 -11.10
C THR A 188 15.08 20.80 -10.19
N GLY A 189 16.40 20.65 -10.20
CA GLY A 189 17.12 19.67 -9.40
C GLY A 189 16.86 19.82 -7.92
N SER A 190 16.83 21.08 -7.43
CA SER A 190 16.55 21.45 -6.05
C SER A 190 15.12 21.01 -5.64
N LEU A 191 14.18 21.01 -6.62
CA LEU A 191 12.81 20.57 -6.40
C LEU A 191 12.73 19.05 -6.38
N ALA A 192 13.42 18.36 -7.33
CA ALA A 192 13.46 16.91 -7.48
C ALA A 192 14.02 16.22 -6.23
N SER A 193 15.13 16.76 -5.68
CA SER A 193 15.77 16.26 -4.47
C SER A 193 14.83 16.38 -3.26
N LEU A 194 14.12 17.53 -3.12
CA LEU A 194 13.16 17.79 -2.04
C LEU A 194 11.92 16.90 -2.12
N ARG A 195 11.57 16.50 -3.36
CA ARG A 195 10.44 15.65 -3.68
C ARG A 195 10.77 14.20 -3.43
N LYS A 196 11.99 13.75 -3.82
CA LYS A 196 12.45 12.37 -3.63
C LYS A 196 12.52 12.05 -2.15
N HIS A 197 13.23 12.92 -1.39
CA HIS A 197 13.37 12.84 0.05
C HIS A 197 12.01 12.76 0.73
N SER A 198 10.99 13.50 0.22
CA SER A 198 9.62 13.46 0.74
C SER A 198 8.98 12.08 0.47
N MET A 199 9.03 11.62 -0.80
CA MET A 199 8.49 10.34 -1.24
C MET A 199 9.07 9.16 -0.51
N ASP A 200 10.34 9.27 -0.08
CA ASP A 200 11.05 8.25 0.67
C ASP A 200 10.51 8.20 2.08
N ILE A 201 10.30 9.38 2.70
CA ILE A 201 9.70 9.50 4.04
C ILE A 201 8.28 8.90 3.96
N THR A 202 7.58 9.12 2.84
CA THR A 202 6.26 8.57 2.62
C THR A 202 6.33 7.04 2.64
N LEU A 203 7.38 6.42 2.05
CA LEU A 203 7.54 4.97 2.09
C LEU A 203 7.75 4.54 3.51
N ASN A 204 8.67 5.20 4.23
CA ASN A 204 8.94 4.96 5.65
C ASN A 204 7.63 4.96 6.46
N SER A 205 6.72 5.92 6.18
CA SER A 205 5.43 6.04 6.86
C SER A 205 4.49 4.88 6.54
N TYR A 206 4.44 4.40 5.28
CA TYR A 206 3.59 3.26 4.89
C TYR A 206 4.13 1.98 5.49
N SER A 207 5.48 1.90 5.59
CA SER A 207 6.22 0.80 6.19
C SER A 207 5.83 0.66 7.66
N LEU A 208 5.79 1.79 8.39
CA LEU A 208 5.38 1.84 9.80
C LEU A 208 3.90 1.56 9.99
N LEU A 209 3.04 1.91 9.02
CA LEU A 209 1.62 1.59 9.14
C LEU A 209 1.42 0.10 9.01
N SER A 210 2.04 -0.55 7.99
CA SER A 210 1.89 -2.00 7.78
C SER A 210 2.53 -2.78 8.95
N ASP A 211 3.65 -2.26 9.50
CA ASP A 211 4.31 -2.87 10.64
C ASP A 211 3.39 -2.86 11.86
N THR A 212 2.72 -1.71 12.13
CA THR A 212 1.79 -1.58 13.24
C THR A 212 0.55 -2.45 13.00
N VAL A 213 -0.04 -2.41 11.78
CA VAL A 213 -1.24 -3.21 11.48
C VAL A 213 -0.95 -4.72 11.56
N ASP A 214 0.23 -5.18 11.10
CA ASP A 214 0.58 -6.61 11.18
C ASP A 214 0.75 -7.08 12.64
N ASN A 215 1.16 -6.18 13.55
CA ASN A 215 1.36 -6.49 14.96
C ASN A 215 0.33 -5.75 15.85
N MET A 216 -0.92 -5.59 15.35
CA MET A 216 -1.97 -4.86 16.06
C MET A 216 -2.37 -5.57 17.36
N ILE A 217 -2.61 -6.90 17.28
CA ILE A 217 -3.03 -7.78 18.39
C ILE A 217 -2.06 -7.61 19.56
N ALA A 218 -0.73 -7.60 19.30
CA ALA A 218 0.29 -7.37 20.32
C ALA A 218 0.09 -6.01 21.01
N ALA A 219 -0.07 -4.93 20.21
CA ALA A 219 -0.25 -3.57 20.71
C ALA A 219 -1.59 -3.39 21.44
N LYS A 220 -2.64 -4.10 20.98
CA LYS A 220 -3.97 -4.09 21.57
C LYS A 220 -3.92 -4.70 22.97
N LYS A 221 -3.35 -5.91 23.09
CA LYS A 221 -3.24 -6.67 24.32
C LYS A 221 -2.26 -6.06 25.35
N ASN A 222 -1.34 -5.20 24.90
CA ASN A 222 -0.41 -4.54 25.80
C ASN A 222 -0.90 -3.12 26.10
N ASN A 223 -2.16 -2.81 25.65
CA ASN A 223 -2.85 -1.51 25.76
C ASN A 223 -1.87 -0.37 25.37
N ALA A 224 -1.17 -0.56 24.23
CA ALA A 224 -0.08 0.29 23.75
C ALA A 224 -0.51 1.35 22.71
N LEU A 225 -1.82 1.70 22.64
CA LEU A 225 -2.32 2.70 21.70
C LEU A 225 -1.43 3.93 21.68
N ARG A 226 -1.12 4.50 22.86
CA ARG A 226 -0.27 5.67 23.00
C ARG A 226 1.10 5.47 22.30
N LEU A 227 1.85 4.40 22.62
CA LEU A 227 3.18 4.15 22.02
C LEU A 227 3.11 3.96 20.48
N ILE A 228 2.09 3.24 20.01
CA ILE A 228 1.83 2.93 18.60
C ILE A 228 1.47 4.22 17.83
N SER A 229 0.48 4.98 18.37
CA SER A 229 -0.04 6.24 17.84
C SER A 229 1.06 7.27 17.76
N GLU A 230 1.81 7.46 18.87
CA GLU A 230 2.92 8.40 18.94
C GLU A 230 3.94 8.15 17.83
N ARG A 231 4.38 6.88 17.64
CA ARG A 231 5.35 6.50 16.60
C ARG A 231 4.88 6.91 15.20
N TYR A 232 3.61 6.63 14.86
CA TYR A 232 3.01 6.97 13.57
C TYR A 232 2.90 8.48 13.42
N GLU A 233 2.33 9.16 14.44
CA GLU A 233 2.20 10.62 14.50
C GLU A 233 3.57 11.27 14.25
N ASP A 234 4.67 10.70 14.79
CA ASP A 234 6.02 11.23 14.54
C ASP A 234 6.37 11.08 13.07
N ALA A 235 6.10 9.90 12.46
CA ALA A 235 6.37 9.61 11.05
C ALA A 235 5.60 10.56 10.14
N LEU A 236 4.32 10.80 10.47
CA LEU A 236 3.43 11.72 9.74
C LEU A 236 3.98 13.15 9.83
N THR A 237 4.51 13.54 11.01
CA THR A 237 5.10 14.86 11.21
C THR A 237 6.38 14.94 10.36
N GLN A 238 7.17 13.85 10.23
CA GLN A 238 8.35 13.87 9.35
C GLN A 238 7.92 13.99 7.89
N GLU A 239 6.70 13.47 7.55
CA GLU A 239 6.11 13.49 6.21
C GLU A 239 5.65 14.91 5.87
N ASN A 240 4.86 15.54 6.76
CA ASN A 240 4.35 16.90 6.57
C ASN A 240 5.49 17.88 6.38
N ASN A 241 6.49 17.86 7.27
CA ASN A 241 7.64 18.76 7.18
C ASN A 241 8.38 18.59 5.85
N ALA A 242 8.55 17.35 5.35
CA ALA A 242 9.22 17.08 4.05
C ALA A 242 8.39 17.58 2.88
N GLN A 243 7.05 17.55 3.03
CA GLN A 243 6.08 17.97 2.03
C GLN A 243 5.98 19.50 1.98
N LYS A 244 5.92 20.16 3.16
CA LYS A 244 5.87 21.62 3.31
C LYS A 244 7.10 22.27 2.70
N LYS A 245 8.29 21.64 2.86
CA LYS A 245 9.56 22.13 2.30
C LYS A 245 9.50 22.15 0.76
N TYR A 246 8.83 21.15 0.15
CA TYR A 246 8.65 21.11 -1.30
C TYR A 246 7.62 22.14 -1.71
N TRP A 247 6.50 22.20 -0.97
CA TRP A 247 5.39 23.11 -1.21
C TRP A 247 5.88 24.55 -1.32
N LEU A 248 6.67 25.02 -0.35
CA LEU A 248 7.21 26.38 -0.35
C LEU A 248 8.04 26.66 -1.58
N LEU A 249 9.03 25.78 -1.91
CA LEU A 249 9.86 25.98 -3.11
C LEU A 249 8.98 26.01 -4.35
N SER A 250 8.04 25.04 -4.47
CA SER A 250 7.08 24.95 -5.56
C SER A 250 6.27 26.24 -5.70
N SER A 251 5.73 26.74 -4.57
CA SER A 251 4.92 27.95 -4.49
C SER A 251 5.74 29.19 -4.87
N LYS A 252 7.02 29.26 -4.43
CA LYS A 252 7.90 30.39 -4.77
C LYS A 252 8.14 30.41 -6.28
N VAL A 253 8.60 29.28 -6.87
CA VAL A 253 8.85 29.17 -8.32
C VAL A 253 7.63 29.69 -9.10
N LEU A 254 6.42 29.20 -8.76
CA LEU A 254 5.17 29.60 -9.40
C LEU A 254 4.88 31.09 -9.23
N LEU A 255 5.04 31.65 -8.01
CA LEU A 255 4.78 33.09 -7.84
C LEU A 255 5.82 33.94 -8.58
N LEU A 256 7.12 33.55 -8.56
CA LEU A 256 8.17 34.27 -9.28
C LEU A 256 7.94 34.18 -10.78
N ASN A 257 7.51 33.02 -11.29
CA ASN A 257 7.23 32.86 -12.73
C ASN A 257 6.02 33.68 -13.15
N SER A 258 5.04 33.85 -12.23
CA SER A 258 3.82 34.63 -12.46
C SER A 258 4.14 36.12 -12.53
N LEU A 259 4.94 36.61 -11.55
CA LEU A 259 5.36 37.99 -11.45
C LEU A 259 6.24 38.38 -12.63
N LEU A 260 7.07 37.45 -13.14
CA LEU A 260 7.92 37.71 -14.30
C LEU A 260 7.04 37.90 -15.53
N ALA A 261 6.03 37.02 -15.70
CA ALA A 261 5.08 37.07 -16.80
C ALA A 261 4.29 38.39 -16.80
N VAL A 262 3.78 38.82 -15.62
CA VAL A 262 3.03 40.06 -15.48
C VAL A 262 3.92 41.26 -15.88
N ILE A 263 5.20 41.28 -15.45
CA ILE A 263 6.15 42.35 -15.75
C ILE A 263 6.51 42.32 -17.26
N LEU A 264 6.93 41.18 -17.82
CA LEU A 264 7.31 41.16 -19.23
C LEU A 264 6.12 41.28 -20.19
N PHE A 265 5.06 40.45 -20.06
CA PHE A 265 3.92 40.52 -20.97
C PHE A 265 3.07 41.77 -20.75
N GLY A 266 3.10 42.31 -19.53
CA GLY A 266 2.40 43.55 -19.19
C GLY A 266 2.96 44.73 -19.94
N SER A 267 4.31 44.74 -20.09
CA SER A 267 5.03 45.78 -20.84
C SER A 267 4.61 45.70 -22.32
N VAL A 268 4.68 44.49 -22.94
CA VAL A 268 4.25 44.27 -24.34
C VAL A 268 2.80 44.78 -24.54
N PHE A 269 1.91 44.63 -23.52
CA PHE A 269 0.53 45.10 -23.57
C PHE A 269 0.46 46.63 -23.52
N ILE A 270 1.21 47.27 -22.59
CA ILE A 270 1.24 48.73 -22.45
C ILE A 270 1.87 49.37 -23.71
N TYR A 271 2.98 48.80 -24.23
CA TYR A 271 3.67 49.27 -25.43
C TYR A 271 2.70 49.34 -26.61
N ASN A 272 1.95 48.26 -26.87
CA ASN A 272 1.01 48.21 -27.99
C ASN A 272 -0.22 49.09 -27.71
N ILE A 273 -0.54 49.38 -26.42
CA ILE A 273 -1.65 50.30 -26.10
C ILE A 273 -1.26 51.69 -26.61
N LEU A 274 -0.06 52.16 -26.20
CA LEU A 274 0.49 53.45 -26.57
C LEU A 274 0.67 53.55 -28.10
N GLY A 275 1.06 52.44 -28.73
CA GLY A 275 1.18 52.33 -30.18
C GLY A 275 -0.15 52.54 -30.87
N VAL A 276 -1.26 52.06 -30.26
CA VAL A 276 -2.61 52.23 -30.79
C VAL A 276 -3.09 53.69 -30.56
N LEU A 277 -2.80 54.26 -29.38
CA LEU A 277 -3.19 55.63 -29.02
C LEU A 277 -2.45 56.69 -29.87
N ASN A 278 -1.23 56.38 -30.34
CA ASN A 278 -0.41 57.29 -31.13
C ASN A 278 -0.43 56.92 -32.63
N GLY A 279 -1.44 56.16 -33.04
CA GLY A 279 -1.63 55.73 -34.43
C GLY A 279 -0.49 54.94 -35.06
N VAL A 280 0.54 54.60 -34.27
CA VAL A 280 1.74 53.84 -34.70
C VAL A 280 1.38 52.36 -35.03
N VAL A 281 0.50 51.75 -34.19
CA VAL A 281 0.04 50.36 -34.25
C VAL A 281 -1.48 50.32 -34.56
N SER A 282 -1.91 49.39 -35.44
CA SER A 282 -3.33 49.21 -35.79
C SER A 282 -4.07 48.49 -34.66
N ILE A 283 -5.42 48.57 -34.62
CA ILE A 283 -6.20 47.88 -33.58
C ILE A 283 -6.12 46.37 -33.85
N GLY A 284 -6.17 46.01 -35.15
CA GLY A 284 -6.04 44.63 -35.64
C GLY A 284 -4.78 43.92 -35.14
N HIS A 285 -3.65 44.66 -35.08
CA HIS A 285 -2.36 44.18 -34.59
C HIS A 285 -2.36 44.15 -33.07
N PHE A 286 -2.96 45.18 -32.43
CA PHE A 286 -3.07 45.24 -30.98
C PHE A 286 -3.83 44.04 -30.44
N ILE A 287 -4.95 43.62 -31.10
CA ILE A 287 -5.74 42.46 -30.69
C ILE A 287 -4.84 41.22 -30.84
N MET A 288 -4.29 40.99 -32.06
CA MET A 288 -3.39 39.88 -32.39
C MET A 288 -2.27 39.72 -31.35
N ILE A 289 -1.74 40.84 -30.81
CA ILE A 289 -0.70 40.78 -29.80
C ILE A 289 -1.27 40.35 -28.46
N THR A 290 -2.41 40.93 -27.99
CA THR A 290 -3.00 40.48 -26.70
C THR A 290 -3.48 39.03 -26.85
N SER A 291 -4.06 38.68 -28.02
CA SER A 291 -4.49 37.34 -28.40
C SER A 291 -3.30 36.36 -28.32
N TYR A 292 -2.06 36.81 -28.67
CA TYR A 292 -0.88 35.97 -28.54
C TYR A 292 -0.45 35.90 -27.07
N ILE A 293 -0.54 37.01 -26.30
CA ILE A 293 -0.20 37.01 -24.87
C ILE A 293 -1.07 35.97 -24.14
N ILE A 294 -2.41 36.04 -24.33
CA ILE A 294 -3.37 35.11 -23.71
C ILE A 294 -3.04 33.66 -24.13
N LEU A 295 -2.95 33.37 -25.44
CA LEU A 295 -2.65 32.04 -25.97
C LEU A 295 -1.34 31.43 -25.40
N LEU A 296 -0.27 32.25 -25.22
CA LEU A 296 1.05 31.78 -24.76
C LEU A 296 1.10 31.18 -23.34
N SER A 297 0.13 31.47 -22.45
CA SER A 297 0.14 30.93 -21.08
C SER A 297 0.20 29.39 -21.05
N THR A 298 -0.72 28.69 -21.75
CA THR A 298 -0.74 27.23 -21.77
C THR A 298 0.62 26.65 -22.28
N PRO A 299 1.23 27.03 -23.45
CA PRO A 299 2.55 26.43 -23.77
C PRO A 299 3.64 26.77 -22.74
N VAL A 300 3.59 27.99 -22.11
CA VAL A 300 4.54 28.36 -21.04
C VAL A 300 4.34 27.39 -19.84
N GLU A 301 3.07 27.13 -19.49
CA GLU A 301 2.70 26.22 -18.41
C GLU A 301 3.19 24.79 -18.71
N ASN A 302 2.95 24.29 -19.95
CA ASN A 302 3.38 22.95 -20.36
C ASN A 302 4.93 22.83 -20.35
N ILE A 303 5.66 23.93 -20.62
CA ILE A 303 7.12 23.91 -20.55
C ILE A 303 7.52 23.90 -19.06
N GLY A 304 6.79 24.65 -18.24
CA GLY A 304 6.97 24.71 -16.80
C GLY A 304 6.84 23.34 -16.17
N ALA A 305 5.86 22.56 -16.68
CA ALA A 305 5.64 21.19 -16.27
C ALA A 305 6.78 20.32 -16.80
N LEU A 306 6.98 20.27 -18.13
CA LEU A 306 8.04 19.49 -18.78
C LEU A 306 9.37 19.66 -18.08
N LEU A 307 9.79 20.90 -17.85
CA LEU A 307 11.05 21.14 -17.20
C LEU A 307 11.06 20.51 -15.81
N SER A 308 10.08 20.89 -14.95
CA SER A 308 10.01 20.43 -13.57
C SER A 308 9.56 18.97 -13.40
N GLU A 309 8.51 18.53 -14.11
CA GLU A 309 7.98 17.17 -13.95
C GLU A 309 8.90 16.10 -14.52
N ILE A 310 9.43 16.26 -15.75
CA ILE A 310 10.33 15.25 -16.33
C ILE A 310 11.51 14.98 -15.42
N ARG A 311 12.09 16.02 -14.78
CA ARG A 311 13.26 15.83 -13.93
C ARG A 311 12.91 15.16 -12.59
N GLN A 312 11.81 15.58 -11.94
CA GLN A 312 11.49 15.00 -10.64
C GLN A 312 10.92 13.56 -10.75
N SER A 313 10.23 13.22 -11.84
CA SER A 313 9.75 11.85 -11.99
C SER A 313 10.86 10.95 -12.57
N MET A 314 12.00 11.52 -12.95
CA MET A 314 13.12 10.73 -13.44
C MET A 314 14.01 10.38 -12.28
N SER A 315 14.10 11.30 -11.30
CA SER A 315 14.90 11.16 -10.08
C SER A 315 14.33 10.06 -9.23
N SER A 316 13.04 10.17 -8.85
CA SER A 316 12.33 9.18 -8.03
C SER A 316 12.16 7.84 -8.76
N LEU A 317 12.14 7.83 -10.10
CA LEU A 317 12.06 6.56 -10.79
C LEU A 317 13.45 5.95 -10.91
N ALA A 318 14.53 6.77 -10.87
CA ALA A 318 15.91 6.28 -10.92
C ALA A 318 16.18 5.46 -9.68
N GLY A 319 15.78 6.00 -8.52
CA GLY A 319 15.88 5.37 -7.20
C GLY A 319 15.23 4.01 -7.13
N PHE A 320 14.00 3.92 -7.68
CA PHE A 320 13.23 2.70 -7.74
C PHE A 320 13.94 1.61 -8.56
N ILE A 321 14.62 1.98 -9.65
CA ILE A 321 15.33 0.99 -10.48
C ILE A 321 16.63 0.54 -9.74
N GLN A 322 17.31 1.47 -9.03
CA GLN A 322 18.55 1.24 -8.26
C GLN A 322 18.33 0.12 -7.22
N ARG A 323 17.40 0.33 -6.29
CA ARG A 323 17.09 -0.59 -5.20
C ARG A 323 16.37 -1.89 -5.67
N HIS A 324 16.00 -1.99 -6.95
CA HIS A 324 15.29 -3.19 -7.41
C HIS A 324 15.95 -3.89 -8.63
N ALA A 325 17.26 -3.64 -8.91
CA ALA A 325 17.94 -4.27 -10.05
C ALA A 325 19.45 -4.31 -9.90
N GLU A 326 19.98 -3.85 -8.77
CA GLU A 326 21.42 -3.86 -8.62
C GLU A 326 21.86 -5.18 -8.03
N ASN A 327 22.62 -5.91 -8.84
CA ASN A 327 23.17 -7.24 -8.58
C ASN A 327 24.44 -7.38 -9.44
N LYS A 328 25.39 -6.43 -9.30
CA LYS A 328 26.67 -6.35 -10.02
C LYS A 328 27.47 -7.66 -9.92
N ALA A 329 27.46 -8.29 -8.72
CA ALA A 329 28.08 -9.58 -8.45
C ALA A 329 27.09 -10.70 -8.82
N THR A 330 27.57 -11.69 -9.60
CA THR A 330 26.84 -12.89 -10.08
C THR A 330 27.90 -13.95 -10.46
N SER A 331 28.00 -15.05 -9.68
CA SER A 331 28.98 -16.12 -9.92
C SER A 331 28.61 -16.97 -11.16
N PRO A 332 29.38 -16.90 -12.29
CA PRO A 332 29.00 -17.66 -13.50
C PRO A 332 29.33 -19.17 -13.38
N SER A 333 28.62 -19.85 -12.45
CA SER A 333 28.71 -21.27 -12.14
C SER A 333 28.00 -22.09 -13.26
N ILE A 334 26.71 -22.48 -13.04
CA ILE A 334 25.76 -23.17 -13.96
C ILE A 334 25.90 -24.77 -13.97
N PRO A 335 26.81 -25.58 -13.30
CA PRO A 335 26.64 -27.05 -13.36
C PRO A 335 25.19 -27.44 -13.05
N PHE A 336 24.56 -28.21 -13.96
CA PHE A 336 23.15 -28.62 -13.93
C PHE A 336 22.89 -29.90 -13.04
N LEU A 337 21.58 -30.27 -12.69
CA LEU A 337 21.09 -31.44 -11.85
C LEU A 337 22.24 -32.02 -11.11
N ASN A 338 22.79 -31.17 -10.28
CA ASN A 338 24.00 -31.41 -9.54
C ASN A 338 23.92 -32.76 -8.81
N MET A 339 22.69 -33.29 -8.55
CA MET A 339 22.53 -34.58 -7.85
C MET A 339 21.36 -35.45 -8.36
N GLU A 340 21.51 -36.78 -8.18
CA GLU A 340 20.53 -37.77 -8.57
C GLU A 340 20.44 -38.76 -7.48
N ARG A 341 19.19 -39.10 -7.13
CA ARG A 341 18.72 -40.03 -6.09
C ARG A 341 19.29 -39.68 -4.69
N LYS A 342 20.51 -40.20 -4.44
CA LYS A 342 21.37 -40.13 -3.26
C LYS A 342 22.23 -38.83 -3.19
N LEU A 343 22.51 -38.40 -1.95
CA LEU A 343 23.36 -37.24 -1.71
C LEU A 343 24.07 -37.30 -0.39
N ASN A 344 25.32 -36.82 -0.42
CA ASN A 344 26.23 -36.67 0.70
C ASN A 344 26.52 -35.16 0.85
N LEU A 345 26.78 -34.67 2.08
CA LEU A 345 27.09 -33.25 2.32
C LEU A 345 28.47 -33.13 3.03
N SER A 346 29.32 -32.16 2.58
CA SER A 346 30.66 -31.98 3.16
C SER A 346 30.97 -30.52 3.42
N ILE A 347 30.85 -30.10 4.68
CA ILE A 347 31.09 -28.73 5.13
C ILE A 347 32.55 -28.63 5.64
N ARG A 348 33.38 -27.80 4.98
CA ARG A 348 34.81 -27.68 5.31
C ARG A 348 35.18 -26.23 5.74
N GLU A 349 35.48 -26.06 7.07
CA GLU A 349 35.91 -24.80 7.73
C GLU A 349 34.99 -23.60 7.44
N LEU A 350 33.65 -23.87 7.44
CA LEU A 350 32.61 -22.87 7.17
C LEU A 350 32.58 -21.80 8.25
N SER A 351 32.68 -20.56 7.81
CA SER A 351 32.66 -19.37 8.66
C SER A 351 31.70 -18.38 8.04
N PHE A 352 30.93 -17.67 8.88
CA PHE A 352 29.92 -16.74 8.40
C PHE A 352 29.58 -15.68 9.41
N SER A 353 29.28 -14.50 8.89
CA SER A 353 28.82 -13.34 9.62
C SER A 353 27.64 -12.75 8.87
N TYR A 354 26.68 -12.20 9.60
CA TYR A 354 25.50 -11.59 8.99
C TYR A 354 25.81 -10.13 8.63
N SER A 355 26.34 -9.35 9.59
CA SER A 355 26.69 -7.93 9.41
C SER A 355 28.18 -7.64 9.60
N ASP A 356 29.04 -8.69 9.53
CA ASP A 356 30.52 -8.69 9.68
C ASP A 356 30.98 -8.25 11.09
N ASP A 357 30.13 -7.49 11.82
CA ASP A 357 30.35 -6.95 13.16
C ASP A 357 30.59 -8.06 14.20
N LYS A 358 29.92 -9.22 14.01
CA LYS A 358 30.01 -10.40 14.88
C LYS A 358 29.99 -11.70 14.05
N LYS A 359 30.81 -12.71 14.46
CA LYS A 359 30.88 -14.02 13.80
C LYS A 359 29.82 -14.95 14.37
N ILE A 360 29.00 -15.54 13.48
CA ILE A 360 27.91 -16.43 13.87
C ILE A 360 28.41 -17.89 13.77
N LEU A 361 29.09 -18.26 12.66
CA LEU A 361 29.68 -19.58 12.52
C LEU A 361 31.21 -19.45 12.56
N ASN A 362 31.86 -20.07 13.57
CA ASN A 362 33.31 -19.95 13.76
C ASN A 362 34.09 -20.69 12.68
N SER A 363 34.08 -22.04 12.66
CA SER A 363 34.80 -22.80 11.61
C SER A 363 34.21 -24.21 11.52
N VAL A 364 32.88 -24.25 11.25
CA VAL A 364 32.11 -25.49 11.16
C VAL A 364 32.70 -26.43 10.09
N SER A 365 33.14 -27.60 10.56
CA SER A 365 33.65 -28.69 9.75
C SER A 365 32.79 -29.91 10.09
N LEU A 366 32.04 -30.40 9.10
CA LEU A 366 31.09 -31.51 9.19
C LEU A 366 31.16 -32.41 7.94
N ASP A 367 30.62 -33.62 8.03
CA ASP A 367 30.57 -34.58 6.93
C ASP A 367 29.38 -35.48 7.14
N LEU A 368 28.42 -35.39 6.21
CA LEU A 368 27.16 -36.13 6.29
C LEU A 368 26.94 -36.99 5.05
N PHE A 369 26.16 -38.09 5.17
CA PHE A 369 25.98 -39.06 4.08
C PHE A 369 24.54 -39.52 3.89
N THR A 370 24.24 -40.03 2.68
CA THR A 370 22.98 -40.62 2.18
C THR A 370 22.30 -41.56 3.20
N GLY A 371 20.97 -41.62 3.14
CA GLY A 371 20.12 -42.48 3.96
C GLY A 371 20.28 -42.41 5.47
N LYS A 372 21.10 -41.50 5.98
CA LYS A 372 21.33 -41.39 7.42
C LYS A 372 20.67 -40.14 8.01
N MET A 373 20.05 -40.27 9.20
CA MET A 373 19.41 -39.15 9.90
C MET A 373 20.40 -38.54 10.91
N TYR A 374 20.56 -37.21 10.90
CA TYR A 374 21.48 -36.52 11.81
C TYR A 374 20.72 -35.48 12.62
N SER A 375 21.08 -35.32 13.88
CA SER A 375 20.44 -34.33 14.74
C SER A 375 21.41 -33.19 15.05
N LEU A 376 20.92 -31.97 15.06
CA LEU A 376 21.73 -30.80 15.37
C LEU A 376 21.05 -30.05 16.50
N THR A 377 21.78 -29.81 17.59
CA THR A 377 21.21 -29.07 18.71
C THR A 377 22.25 -28.11 19.28
N GLY A 378 21.81 -27.32 20.24
CA GLY A 378 22.64 -26.33 20.90
C GLY A 378 21.77 -25.23 21.47
N PRO A 379 22.35 -24.25 22.19
CA PRO A 379 21.53 -23.17 22.76
C PRO A 379 21.00 -22.20 21.71
N SER A 380 19.89 -21.51 22.04
CA SER A 380 19.27 -20.54 21.15
C SER A 380 20.22 -19.34 20.95
N GLY A 381 20.77 -19.26 19.74
CA GLY A 381 21.72 -18.23 19.34
C GLY A 381 23.03 -18.81 18.86
N SER A 382 23.18 -20.17 18.95
CA SER A 382 24.38 -20.89 18.53
C SER A 382 24.57 -20.75 17.00
N GLY A 383 23.49 -20.92 16.24
CA GLY A 383 23.49 -20.80 14.79
C GLY A 383 23.13 -22.07 14.05
N LYS A 384 22.07 -22.78 14.49
CA LYS A 384 21.61 -24.03 13.84
C LYS A 384 20.92 -23.66 12.51
N SER A 385 19.93 -22.72 12.60
CA SER A 385 19.18 -22.15 11.49
C SER A 385 20.14 -21.53 10.50
N THR A 386 21.05 -20.63 10.95
CA THR A 386 22.09 -19.99 10.12
C THR A 386 22.78 -21.03 9.22
N LEU A 387 23.34 -22.09 9.84
CA LEU A 387 24.06 -23.17 9.18
C LEU A 387 23.20 -23.86 8.12
N VAL A 388 21.97 -24.31 8.47
CA VAL A 388 21.11 -24.98 7.50
C VAL A 388 20.66 -23.99 6.39
N LYS A 389 20.51 -22.68 6.72
CA LYS A 389 20.12 -21.64 5.75
C LYS A 389 21.19 -21.53 4.68
N ILE A 390 22.48 -21.56 5.09
CA ILE A 390 23.65 -21.50 4.20
C ILE A 390 23.68 -22.79 3.32
N ILE A 391 23.38 -23.97 3.93
CA ILE A 391 23.29 -25.25 3.21
C ILE A 391 22.15 -25.17 2.16
N SER A 392 21.06 -24.45 2.49
CA SER A 392 19.86 -24.26 1.65
C SER A 392 20.02 -23.08 0.68
N GLY A 393 21.21 -22.48 0.68
CA GLY A 393 21.57 -21.36 -0.20
C GLY A 393 20.88 -20.05 0.05
N TYR A 394 20.53 -19.74 1.32
CA TYR A 394 19.91 -18.45 1.67
C TYR A 394 20.94 -17.33 1.50
N TYR A 395 22.19 -17.64 1.91
CA TYR A 395 23.34 -16.73 1.90
C TYR A 395 24.51 -17.36 1.14
N LYS A 396 25.31 -16.51 0.46
CA LYS A 396 26.47 -16.92 -0.36
C LYS A 396 27.79 -16.26 0.09
N ASN A 397 27.71 -15.23 0.99
CA ASN A 397 28.88 -14.53 1.52
C ASN A 397 29.48 -15.31 2.72
N TYR A 398 29.99 -16.52 2.45
CA TYR A 398 30.58 -17.36 3.49
C TYR A 398 32.03 -17.74 3.18
N PHE A 399 32.84 -17.90 4.24
CA PHE A 399 34.22 -18.34 4.16
C PHE A 399 34.22 -19.84 4.36
N GLY A 400 35.06 -20.54 3.62
CA GLY A 400 35.11 -21.98 3.65
C GLY A 400 34.39 -22.54 2.45
N ASP A 401 34.18 -23.87 2.43
CA ASP A 401 33.52 -24.51 1.29
C ASP A 401 32.48 -25.54 1.73
N ILE A 402 31.45 -25.77 0.88
CA ILE A 402 30.37 -26.75 1.10
C ILE A 402 30.22 -27.51 -0.22
N TYR A 403 30.36 -28.84 -0.14
CA TYR A 403 30.26 -29.71 -1.30
C TYR A 403 29.04 -30.61 -1.23
N LEU A 404 28.57 -31.02 -2.41
CA LEU A 404 27.42 -31.88 -2.60
C LEU A 404 27.75 -32.86 -3.71
N ASN A 405 28.44 -33.96 -3.32
CA ASN A 405 28.94 -35.02 -4.21
C ASN A 405 29.98 -34.40 -5.16
N ASP A 406 31.07 -33.80 -4.59
CA ASP A 406 32.24 -33.16 -5.25
C ASP A 406 31.95 -31.73 -5.76
N ILE A 407 30.71 -31.47 -6.21
CA ILE A 407 30.30 -30.15 -6.71
C ILE A 407 30.08 -29.18 -5.55
N SER A 408 30.71 -27.98 -5.64
CA SER A 408 30.58 -26.95 -4.63
C SER A 408 29.21 -26.29 -4.72
N LEU A 409 28.69 -25.76 -3.59
CA LEU A 409 27.40 -25.08 -3.56
C LEU A 409 27.40 -23.86 -4.47
N ARG A 410 28.57 -23.16 -4.52
CA ARG A 410 28.82 -21.95 -5.32
C ARG A 410 28.55 -22.21 -6.79
N ASN A 411 28.80 -23.45 -7.26
CA ASN A 411 28.55 -23.85 -8.64
C ASN A 411 27.20 -24.56 -8.84
N ILE A 412 26.31 -24.52 -7.84
CA ILE A 412 24.99 -25.13 -8.00
C ILE A 412 23.94 -24.03 -8.19
N SER A 413 23.13 -24.12 -9.29
CA SER A 413 22.07 -23.15 -9.59
C SER A 413 21.00 -23.24 -8.54
N ASP A 414 20.54 -22.08 -8.07
CA ASP A 414 19.51 -21.99 -7.01
C ASP A 414 18.31 -22.87 -7.28
N GLU A 415 17.95 -23.10 -8.57
CA GLU A 415 16.87 -23.99 -8.95
C GLU A 415 17.21 -25.45 -8.61
N ASP A 416 18.39 -25.94 -9.00
CA ASP A 416 18.86 -27.31 -8.79
C ASP A 416 19.04 -27.61 -7.30
N LEU A 417 19.62 -26.65 -6.55
CA LEU A 417 19.84 -26.71 -5.11
C LEU A 417 18.50 -26.93 -4.38
N ASN A 418 17.47 -26.13 -4.76
CA ASN A 418 16.12 -26.19 -4.21
C ASN A 418 15.40 -27.49 -4.61
N ASP A 419 15.89 -28.20 -5.67
CA ASP A 419 15.31 -29.49 -6.09
C ASP A 419 15.98 -30.64 -5.35
N ALA A 420 17.26 -30.46 -4.97
CA ALA A 420 18.08 -31.44 -4.26
C ALA A 420 17.85 -31.41 -2.77
N ILE A 421 17.69 -30.21 -2.21
CA ILE A 421 17.44 -29.96 -0.79
C ILE A 421 15.99 -29.44 -0.53
N TYR A 422 15.37 -29.85 0.57
CA TYR A 422 14.08 -29.26 0.97
C TYR A 422 14.16 -28.87 2.44
N TYR A 423 14.16 -27.56 2.70
CA TYR A 423 14.29 -26.98 4.02
C TYR A 423 12.93 -26.71 4.57
N LEU A 424 12.60 -27.33 5.72
CA LEU A 424 11.37 -27.09 6.46
C LEU A 424 11.75 -26.09 7.56
N THR A 425 11.44 -24.82 7.27
CA THR A 425 11.75 -23.61 8.05
C THR A 425 11.20 -23.62 9.47
N GLN A 426 11.91 -22.89 10.36
CA GLN A 426 11.55 -22.70 11.77
C GLN A 426 10.17 -22.06 11.85
N ASP A 427 9.94 -20.99 11.03
CA ASP A 427 8.66 -20.28 10.94
C ASP A 427 7.92 -20.77 9.71
N ASP A 428 6.58 -20.81 9.81
CA ASP A 428 5.74 -21.28 8.70
C ASP A 428 5.39 -20.14 7.73
N TYR A 429 5.30 -20.50 6.44
CA TYR A 429 4.95 -19.58 5.37
C TYR A 429 3.75 -20.16 4.62
N ILE A 430 2.54 -19.80 5.10
CA ILE A 430 1.26 -20.19 4.52
C ILE A 430 0.69 -19.02 3.72
N PHE A 431 0.36 -19.30 2.46
CA PHE A 431 -0.19 -18.34 1.51
C PHE A 431 -1.64 -18.14 1.72
N MET A 432 -2.10 -16.89 1.64
CA MET A 432 -3.52 -16.62 1.76
C MET A 432 -4.17 -17.02 0.44
N ASP A 433 -4.67 -18.25 0.41
CA ASP A 433 -5.28 -18.90 -0.72
C ASP A 433 -5.82 -20.27 -0.29
N THR A 434 -6.21 -21.11 -1.28
CA THR A 434 -6.74 -22.45 -1.02
C THR A 434 -5.65 -23.34 -0.51
N LEU A 435 -6.02 -24.43 0.21
CA LEU A 435 -5.07 -25.43 0.70
C LEU A 435 -4.35 -26.01 -0.52
N ARG A 436 -5.12 -26.24 -1.61
CA ARG A 436 -4.64 -26.73 -2.90
C ARG A 436 -3.48 -25.85 -3.38
N PHE A 437 -3.65 -24.50 -3.35
CA PHE A 437 -2.64 -23.53 -3.78
C PHE A 437 -1.38 -23.65 -2.89
N ASN A 438 -1.54 -23.74 -1.56
CA ASN A 438 -0.42 -23.87 -0.65
C ASN A 438 0.41 -25.13 -0.87
N LEU A 439 -0.25 -26.21 -1.34
CA LEU A 439 0.47 -27.46 -1.58
C LEU A 439 1.03 -27.44 -3.01
N ARG A 440 0.31 -26.78 -3.97
CA ARG A 440 0.76 -26.68 -5.36
C ARG A 440 2.02 -25.82 -5.47
N LEU A 441 2.38 -25.10 -4.38
CA LEU A 441 3.60 -24.33 -4.25
C LEU A 441 4.83 -25.28 -4.42
N ALA A 442 4.74 -26.49 -3.81
CA ALA A 442 5.73 -27.57 -3.82
C ALA A 442 5.85 -28.26 -5.17
N ASN A 443 4.72 -28.45 -5.90
CA ASN A 443 4.68 -29.07 -7.24
C ASN A 443 3.46 -28.59 -8.00
N TYR A 444 3.65 -27.74 -9.03
CA TYR A 444 2.58 -27.14 -9.85
C TYR A 444 1.70 -28.19 -10.57
N ASP A 445 2.35 -29.20 -11.17
CA ASP A 445 1.70 -30.22 -11.98
C ASP A 445 0.99 -31.32 -11.17
N ALA A 446 1.01 -31.25 -9.81
CA ALA A 446 0.39 -32.23 -8.91
C ALA A 446 -1.11 -32.35 -9.14
N SER A 447 -1.58 -33.60 -9.31
CA SER A 447 -2.99 -33.94 -9.56
C SER A 447 -3.77 -33.91 -8.25
N GLU A 448 -5.12 -33.84 -8.32
CA GLU A 448 -5.99 -33.85 -7.15
C GLU A 448 -5.71 -35.01 -6.18
N ASN A 449 -5.36 -36.19 -6.71
CA ASN A 449 -5.06 -37.39 -5.91
C ASN A 449 -3.71 -37.27 -5.20
N GLU A 450 -2.62 -36.89 -5.93
CA GLU A 450 -1.28 -36.71 -5.38
C GLU A 450 -1.31 -35.78 -4.18
N ILE A 451 -2.16 -34.74 -4.25
CA ILE A 451 -2.34 -33.70 -3.23
C ILE A 451 -3.08 -34.27 -2.03
N PHE A 452 -4.19 -35.01 -2.24
CA PHE A 452 -4.95 -35.59 -1.14
C PHE A 452 -4.17 -36.73 -0.43
N LYS A 453 -3.40 -37.52 -1.21
CA LYS A 453 -2.56 -38.61 -0.68
C LYS A 453 -1.58 -38.04 0.37
N VAL A 454 -0.99 -36.91 0.03
CA VAL A 454 -0.04 -36.13 0.80
C VAL A 454 -0.68 -35.62 2.11
N LEU A 455 -2.01 -35.28 2.10
CA LEU A 455 -2.75 -34.78 3.26
C LEU A 455 -2.82 -35.81 4.36
N LYS A 456 -2.92 -37.09 4.00
CA LYS A 456 -2.94 -38.20 4.94
C LYS A 456 -1.59 -38.34 5.63
N LEU A 457 -0.46 -38.31 4.86
CA LEU A 457 0.91 -38.46 5.38
C LEU A 457 1.30 -37.30 6.28
N ALA A 458 0.61 -36.17 6.12
CA ALA A 458 0.80 -34.94 6.89
C ALA A 458 -0.09 -34.90 8.12
N ASN A 459 -1.08 -35.83 8.21
CA ASN A 459 -2.10 -35.95 9.27
C ASN A 459 -3.01 -34.71 9.26
N LEU A 460 -3.44 -34.35 8.05
CA LEU A 460 -4.27 -33.19 7.76
C LEU A 460 -5.49 -33.56 6.89
N SER A 461 -5.71 -34.86 6.61
CA SER A 461 -6.84 -35.31 5.78
C SER A 461 -8.20 -35.19 6.49
N VAL A 462 -8.20 -35.10 7.83
CA VAL A 462 -9.39 -34.92 8.67
C VAL A 462 -9.08 -33.91 9.79
N VAL A 463 -9.93 -32.86 9.91
CA VAL A 463 -9.85 -31.84 10.97
C VAL A 463 -11.23 -31.74 11.65
N ASN A 464 -11.26 -32.00 12.98
CA ASN A 464 -12.44 -31.98 13.87
C ASN A 464 -13.55 -32.92 13.35
N ASN A 465 -13.19 -34.21 13.14
CA ASN A 465 -14.04 -35.32 12.65
C ASN A 465 -14.68 -35.01 11.27
N GLU A 466 -14.16 -34.01 10.56
CA GLU A 466 -14.64 -33.61 9.24
C GLU A 466 -13.49 -33.79 8.18
N PRO A 467 -13.79 -34.35 6.98
CA PRO A 467 -12.75 -34.47 5.95
C PRO A 467 -12.35 -33.09 5.44
N VAL A 468 -11.04 -32.85 5.36
CA VAL A 468 -10.46 -31.59 4.91
C VAL A 468 -10.59 -31.44 3.39
N SER A 469 -11.18 -30.30 2.93
CA SER A 469 -11.36 -29.95 1.53
C SER A 469 -10.14 -29.22 1.02
N LEU A 470 -9.73 -29.48 -0.24
CA LEU A 470 -8.58 -28.84 -0.85
C LEU A 470 -8.86 -27.38 -1.18
N ASP A 471 -10.15 -26.99 -1.15
CA ASP A 471 -10.65 -25.65 -1.43
C ASP A 471 -10.77 -24.80 -0.15
N THR A 472 -10.28 -25.31 1.02
CA THR A 472 -10.29 -24.61 2.32
C THR A 472 -9.56 -23.26 2.16
N HIS A 473 -10.25 -22.15 2.39
CA HIS A 473 -9.55 -20.90 2.27
C HIS A 473 -8.76 -20.60 3.54
N LEU A 474 -7.48 -20.27 3.34
CA LEU A 474 -6.55 -19.94 4.41
C LEU A 474 -6.32 -18.43 4.48
N ILE A 475 -6.75 -17.82 5.60
CA ILE A 475 -6.62 -16.42 6.00
C ILE A 475 -5.12 -15.98 6.01
N ASN A 476 -4.88 -14.64 6.16
CA ASN A 476 -3.55 -14.01 6.28
C ASN A 476 -2.72 -14.78 7.36
N ARG A 477 -1.47 -15.18 7.01
CA ARG A 477 -0.51 -15.93 7.85
C ARG A 477 -1.06 -17.32 8.26
N GLY A 478 -2.08 -17.80 7.55
CA GLY A 478 -2.73 -19.09 7.82
C GLY A 478 -3.31 -19.23 9.21
N ASN A 479 -3.67 -18.07 9.86
CA ASN A 479 -4.21 -17.98 11.23
C ASN A 479 -5.64 -18.57 11.36
N ASN A 480 -6.15 -19.13 10.28
CA ASN A 480 -7.39 -19.85 10.11
C ASN A 480 -7.19 -21.27 10.68
N TYR A 481 -5.91 -21.63 10.93
CA TYR A 481 -5.44 -22.92 11.40
C TYR A 481 -4.61 -22.80 12.68
N SER A 482 -4.54 -23.91 13.42
CA SER A 482 -3.77 -24.09 14.65
C SER A 482 -2.27 -24.16 14.33
N GLY A 483 -1.41 -23.77 15.29
CA GLY A 483 0.05 -23.80 15.16
C GLY A 483 0.62 -25.05 14.51
N GLY A 484 0.15 -26.20 14.97
CA GLY A 484 0.49 -27.52 14.46
C GLY A 484 -0.06 -27.78 13.08
N GLN A 485 -1.31 -27.37 12.78
CA GLN A 485 -1.92 -27.55 11.46
C GLN A 485 -1.16 -26.74 10.46
N LYS A 486 -0.58 -25.58 10.89
CA LYS A 486 0.25 -24.75 10.02
C LYS A 486 1.50 -25.56 9.64
N GLN A 487 2.21 -26.14 10.64
CA GLN A 487 3.41 -26.99 10.48
C GLN A 487 3.14 -28.20 9.56
N ARG A 488 1.93 -28.76 9.63
CA ARG A 488 1.52 -29.90 8.82
C ARG A 488 1.34 -29.50 7.36
N ILE A 489 0.94 -28.22 7.05
CA ILE A 489 0.83 -27.73 5.65
C ILE A 489 2.22 -27.78 5.04
N SER A 490 3.20 -27.17 5.74
CA SER A 490 4.60 -27.14 5.34
C SER A 490 5.17 -28.57 5.21
N LEU A 491 4.78 -29.50 6.10
CA LEU A 491 5.19 -30.91 6.05
C LEU A 491 4.56 -31.65 4.86
N ALA A 492 3.30 -31.40 4.54
CA ALA A 492 2.59 -31.98 3.40
C ALA A 492 3.26 -31.59 2.10
N ARG A 493 3.82 -30.36 2.01
CA ARG A 493 4.57 -29.85 0.85
C ARG A 493 5.73 -30.77 0.51
N LEU A 494 6.53 -31.20 1.54
CA LEU A 494 7.68 -32.08 1.43
C LEU A 494 7.34 -33.38 0.68
N PHE A 495 6.16 -33.97 0.92
CA PHE A 495 5.77 -35.23 0.28
C PHE A 495 5.47 -35.09 -1.23
N LEU A 496 5.24 -33.85 -1.75
CA LEU A 496 5.03 -33.60 -3.19
C LEU A 496 6.39 -33.39 -3.89
N ARG A 497 7.36 -32.84 -3.13
CA ARG A 497 8.73 -32.58 -3.53
C ARG A 497 9.50 -33.91 -3.61
N LYS A 498 10.68 -33.93 -4.28
CA LYS A 498 11.51 -35.16 -4.40
C LYS A 498 12.99 -34.82 -4.04
N PRO A 499 13.34 -34.57 -2.76
CA PRO A 499 14.74 -34.17 -2.46
C PRO A 499 15.67 -35.30 -2.02
N ALA A 500 16.96 -35.01 -2.06
CA ALA A 500 18.03 -35.91 -1.62
C ALA A 500 18.41 -35.57 -0.18
N ILE A 501 18.35 -34.27 0.19
CA ILE A 501 18.58 -33.78 1.56
C ILE A 501 17.23 -33.21 2.08
N ILE A 502 16.86 -33.55 3.35
CA ILE A 502 15.65 -33.03 3.98
C ILE A 502 16.02 -32.39 5.31
N ILE A 503 15.89 -31.07 5.43
CA ILE A 503 16.17 -30.37 6.70
C ILE A 503 14.84 -30.04 7.45
N ILE A 504 14.74 -30.43 8.73
CA ILE A 504 13.55 -30.19 9.54
C ILE A 504 13.96 -29.24 10.72
N ASP A 505 14.00 -27.89 10.49
CA ASP A 505 14.41 -26.94 11.55
C ASP A 505 13.25 -26.65 12.51
N GLU A 506 13.20 -27.37 13.65
CA GLU A 506 12.18 -27.26 14.71
C GLU A 506 10.80 -27.21 14.08
N ALA A 507 10.66 -27.85 12.90
CA ALA A 507 9.48 -27.85 12.03
C ALA A 507 8.34 -28.72 12.54
N THR A 508 8.53 -29.41 13.69
CA THR A 508 7.49 -30.24 14.32
C THR A 508 7.22 -29.82 15.79
N SER A 509 7.83 -28.69 16.26
CA SER A 509 7.72 -28.18 17.65
C SER A 509 6.28 -28.00 18.13
N ALA A 510 5.37 -27.55 17.25
CA ALA A 510 3.97 -27.31 17.59
C ALA A 510 3.15 -28.61 17.55
N LEU A 511 3.78 -29.75 17.18
CA LEU A 511 3.10 -31.04 17.15
C LEU A 511 3.34 -31.87 18.41
N ASP A 512 2.30 -32.61 18.82
CA ASP A 512 2.35 -33.53 19.96
C ASP A 512 3.16 -34.75 19.55
N TYR A 513 3.64 -35.51 20.54
CA TYR A 513 4.52 -36.66 20.35
C TYR A 513 3.93 -37.70 19.38
N ILE A 514 2.61 -37.95 19.44
CA ILE A 514 1.91 -38.89 18.56
C ILE A 514 2.12 -38.52 17.07
N ASN A 515 1.69 -37.32 16.64
CA ASN A 515 1.81 -36.83 15.27
C ASN A 515 3.27 -36.64 14.84
N GLU A 516 4.11 -36.00 15.70
CA GLU A 516 5.55 -35.79 15.47
C GLU A 516 6.18 -37.12 15.03
N SER A 517 6.01 -38.19 15.83
CA SER A 517 6.55 -39.54 15.56
C SER A 517 5.90 -40.21 14.32
N GLU A 518 4.59 -40.07 14.17
CA GLU A 518 3.80 -40.62 13.08
C GLU A 518 4.19 -40.02 11.70
N ILE A 519 4.35 -38.67 11.60
CA ILE A 519 4.72 -37.98 10.36
C ILE A 519 6.21 -38.26 10.05
N LEU A 520 7.10 -38.07 11.05
CA LEU A 520 8.53 -38.33 10.96
C LEU A 520 8.80 -39.77 10.50
N SER A 521 7.87 -40.71 10.83
CA SER A 521 8.00 -42.10 10.41
C SER A 521 7.70 -42.19 8.90
N SER A 522 6.58 -41.56 8.42
CA SER A 522 6.19 -41.55 7.01
C SER A 522 7.16 -40.74 6.13
N ILE A 523 7.98 -39.84 6.72
CA ILE A 523 9.02 -39.12 5.96
C ILE A 523 10.11 -40.14 5.59
N ARG A 524 10.67 -40.85 6.61
CA ARG A 524 11.73 -41.86 6.43
C ARG A 524 11.30 -43.02 5.54
N THR A 525 10.02 -43.41 5.58
CA THR A 525 9.45 -44.46 4.74
C THR A 525 9.40 -44.01 3.27
N HIS A 526 8.82 -42.82 2.99
CA HIS A 526 8.68 -42.28 1.63
C HIS A 526 10.00 -41.79 1.04
N PHE A 527 10.94 -41.32 1.89
CA PHE A 527 12.25 -40.85 1.44
C PHE A 527 13.32 -41.71 2.14
N PRO A 528 13.52 -42.97 1.68
CA PRO A 528 14.44 -43.87 2.40
C PRO A 528 15.91 -43.49 2.26
N ASP A 529 16.33 -43.04 1.05
CA ASP A 529 17.73 -42.67 0.73
C ASP A 529 18.04 -41.22 1.05
N ALA A 530 17.08 -40.48 1.63
CA ALA A 530 17.27 -39.08 1.96
C ALA A 530 18.13 -38.83 3.22
N LEU A 531 19.17 -37.97 3.08
CA LEU A 531 19.99 -37.49 4.18
C LEU A 531 19.10 -36.54 4.99
N ILE A 532 18.90 -36.79 6.29
CA ILE A 532 17.99 -35.94 7.05
C ILE A 532 18.69 -35.15 8.17
N ILE A 533 18.69 -33.81 8.08
CA ILE A 533 19.21 -33.02 9.21
C ILE A 533 17.98 -32.62 10.06
N ASN A 534 18.07 -32.82 11.36
CA ASN A 534 16.97 -32.47 12.25
C ASN A 534 17.44 -31.51 13.36
N ILE A 535 16.87 -30.29 13.41
CA ILE A 535 17.20 -29.35 14.50
C ILE A 535 16.11 -29.46 15.53
N SER A 536 16.46 -29.87 16.75
CA SER A 536 15.51 -30.04 17.83
C SER A 536 16.13 -29.85 19.19
N HIS A 537 15.36 -29.27 20.10
CA HIS A 537 15.75 -29.12 21.51
C HIS A 537 15.23 -30.35 22.27
N ARG A 538 14.12 -30.97 21.77
CA ARG A 538 13.49 -32.20 22.27
C ARG A 538 14.44 -33.41 22.06
N ILE A 539 14.23 -34.51 22.81
CA ILE A 539 15.08 -35.72 22.71
C ILE A 539 14.47 -36.85 21.85
N ASN A 540 13.15 -36.86 21.62
CA ASN A 540 12.46 -37.89 20.83
C ASN A 540 12.90 -37.95 19.35
N LEU A 541 13.85 -37.10 18.95
CA LEU A 541 14.38 -37.02 17.59
C LEU A 541 15.90 -37.24 17.61
N LEU A 542 16.54 -36.71 18.68
CA LEU A 542 17.98 -36.79 18.98
C LEU A 542 18.40 -38.23 19.27
N GLU A 543 17.52 -38.98 19.96
CA GLU A 543 17.70 -40.38 20.32
C GLU A 543 17.54 -41.27 19.07
N CYS A 544 16.68 -40.85 18.15
CA CYS A 544 16.34 -41.55 16.91
C CYS A 544 17.43 -41.43 15.83
N SER A 545 18.24 -40.36 15.86
CA SER A 545 19.27 -40.05 14.85
C SER A 545 20.47 -41.01 14.87
N ASP A 546 21.10 -41.21 13.68
CA ASP A 546 22.30 -42.01 13.44
C ASP A 546 23.54 -41.32 14.01
N CYS A 547 23.49 -39.98 14.18
CA CYS A 547 24.57 -39.16 14.76
C CYS A 547 24.00 -37.82 15.24
N VAL A 548 24.53 -37.29 16.35
CA VAL A 548 24.11 -36.01 16.94
C VAL A 548 25.28 -35.04 16.89
N TYR A 549 25.01 -33.78 16.53
CA TYR A 549 25.97 -32.70 16.46
C TYR A 549 25.54 -31.57 17.41
N VAL A 550 26.44 -31.12 18.28
CA VAL A 550 26.15 -30.06 19.26
C VAL A 550 26.86 -28.78 18.85
N LEU A 551 26.08 -27.73 18.52
CA LEU A 551 26.61 -26.43 18.15
C LEU A 551 26.57 -25.48 19.35
N ASN A 552 27.71 -24.86 19.67
CA ASN A 552 27.78 -23.90 20.77
C ASN A 552 28.64 -22.72 20.37
N GLU A 553 28.02 -21.51 20.35
CA GLU A 553 28.60 -20.21 19.98
C GLU A 553 29.40 -20.26 18.64
N GLY A 554 28.77 -20.83 17.62
CA GLY A 554 29.34 -20.91 16.28
C GLY A 554 30.11 -22.17 15.95
N ASN A 555 30.79 -22.77 16.93
CA ASN A 555 31.60 -23.97 16.69
C ASN A 555 30.88 -25.23 17.14
N ILE A 556 31.09 -26.31 16.36
CA ILE A 556 30.58 -27.66 16.61
C ILE A 556 31.45 -28.25 17.75
N VAL A 557 30.87 -28.35 18.96
CA VAL A 557 31.59 -28.78 20.17
C VAL A 557 31.53 -30.31 20.44
N ALA A 558 30.56 -31.07 19.88
CA ALA A 558 30.42 -32.51 20.15
C ALA A 558 29.75 -33.29 19.01
N SER A 559 30.18 -34.55 18.80
CA SER A 559 29.63 -35.42 17.77
C SER A 559 29.39 -36.87 18.30
N GLY A 560 28.88 -37.76 17.45
CA GLY A 560 28.61 -39.16 17.79
C GLY A 560 27.19 -39.47 18.19
N HIS A 561 26.94 -40.72 18.68
CA HIS A 561 25.61 -41.18 19.11
C HIS A 561 25.13 -40.40 20.34
N PHE A 562 23.81 -40.26 20.50
CA PHE A 562 23.19 -39.53 21.61
C PHE A 562 23.58 -40.11 22.98
N ARG A 563 23.52 -41.46 23.12
CA ARG A 563 23.84 -42.20 24.34
C ARG A 563 25.30 -41.99 24.77
N ASP A 564 26.21 -41.95 23.79
CA ASP A 564 27.64 -41.72 24.00
C ASP A 564 27.94 -40.25 24.35
N LEU A 565 26.94 -39.36 24.19
CA LEU A 565 27.07 -37.92 24.43
C LEU A 565 26.43 -37.47 25.74
N MET A 566 25.44 -38.23 26.26
CA MET A 566 24.78 -37.90 27.54
C MET A 566 25.61 -38.44 28.73
N VAL A 567 26.83 -38.88 28.45
CA VAL A 567 27.85 -39.39 29.36
C VAL A 567 29.04 -38.40 29.32
N SER A 568 29.54 -38.15 28.09
CA SER A 568 30.66 -37.27 27.75
C SER A 568 30.33 -35.80 27.98
N ASN A 569 29.35 -35.25 27.22
CA ASN A 569 28.90 -33.85 27.26
C ASN A 569 27.87 -33.62 28.37
N GLU A 570 28.07 -32.54 29.13
CA GLU A 570 27.21 -32.13 30.24
C GLU A 570 25.86 -31.59 29.72
N TYR A 571 25.87 -30.84 28.58
CA TYR A 571 24.67 -30.29 27.93
C TYR A 571 23.71 -31.43 27.53
N ILE A 572 24.24 -32.49 26.90
CA ILE A 572 23.45 -33.64 26.47
C ILE A 572 23.05 -34.49 27.69
N SER A 573 23.89 -34.50 28.76
CA SER A 573 23.60 -35.21 30.00
C SER A 573 22.41 -34.55 30.70
N GLY A 574 22.49 -33.22 30.88
CA GLY A 574 21.47 -32.40 31.51
C GLY A 574 20.14 -32.42 30.79
N LEU A 575 20.18 -32.45 29.44
CA LEU A 575 18.99 -32.50 28.58
C LEU A 575 18.23 -33.82 28.75
N ALA A 576 18.98 -34.94 28.80
CA ALA A 576 18.40 -36.28 28.95
C ALA A 576 17.83 -36.48 30.36
N SER A 577 18.43 -35.83 31.39
CA SER A 577 18.00 -35.89 32.80
C SER A 577 16.57 -35.34 32.99
N VAL A 578 16.02 -34.69 31.93
CA VAL A 578 14.68 -34.14 31.88
C VAL A 578 13.71 -35.31 31.49
N THR A 579 13.74 -36.39 32.32
CA THR A 579 12.95 -37.63 32.20
C THR A 579 12.56 -38.16 33.59
N LYS B 4 -29.20 9.95 5.65
CA LYS B 4 -28.63 9.99 6.98
C LYS B 4 -27.11 9.74 6.97
N GLN B 5 -26.63 8.77 6.16
CA GLN B 5 -25.20 8.45 6.03
C GLN B 5 -24.47 9.55 5.20
N LYS B 6 -25.22 10.29 4.35
CA LYS B 6 -24.72 11.40 3.52
C LYS B 6 -24.18 12.53 4.41
N ASN B 7 -24.93 12.87 5.48
CA ASN B 7 -24.62 13.91 6.48
C ASN B 7 -23.40 13.51 7.34
N SER B 8 -23.28 12.22 7.72
CA SER B 8 -22.19 11.68 8.53
C SER B 8 -20.85 11.73 7.77
N LEU B 9 -20.91 11.52 6.43
CA LEU B 9 -19.77 11.53 5.52
C LEU B 9 -19.09 12.89 5.49
N PHE B 10 -19.86 13.96 5.18
CA PHE B 10 -19.36 15.33 5.11
C PHE B 10 -18.95 15.85 6.48
N ASN B 11 -19.59 15.37 7.56
CA ASN B 11 -19.21 15.74 8.91
C ASN B 11 -17.83 15.14 9.23
N TYR B 12 -17.56 13.89 8.76
CA TYR B 12 -16.28 13.24 8.91
C TYR B 12 -15.19 14.00 8.16
N ILE B 13 -15.48 14.52 6.94
CA ILE B 13 -14.49 15.27 6.15
C ILE B 13 -14.24 16.61 6.83
N TYR B 14 -15.32 17.29 7.32
CA TYR B 14 -15.22 18.58 8.04
C TYR B 14 -14.33 18.45 9.28
N SER B 15 -14.53 17.37 10.07
CA SER B 15 -13.78 17.06 11.29
C SER B 15 -12.27 16.90 11.06
N LEU B 16 -11.85 16.47 9.86
CA LEU B 16 -10.43 16.29 9.48
C LEU B 16 -9.73 17.64 9.28
N MET B 17 -10.50 18.73 9.25
CA MET B 17 -9.98 20.08 9.05
C MET B 17 -9.85 20.84 10.38
N ASP B 18 -8.60 21.23 10.73
CA ASP B 18 -8.34 22.04 11.92
C ASP B 18 -8.70 23.51 11.58
N VAL B 19 -8.21 24.48 12.36
CA VAL B 19 -8.54 25.88 12.05
C VAL B 19 -7.90 26.29 10.70
N ARG B 20 -6.59 25.99 10.49
CA ARG B 20 -5.88 26.29 9.23
C ARG B 20 -6.59 25.58 8.07
N GLY B 21 -7.07 24.36 8.31
CA GLY B 21 -7.79 23.56 7.33
C GLY B 21 -9.11 24.16 6.88
N LYS B 22 -9.85 24.75 7.84
CA LYS B 22 -11.14 25.36 7.55
C LYS B 22 -10.93 26.62 6.73
N PHE B 23 -9.89 27.42 7.05
CA PHE B 23 -9.56 28.66 6.33
C PHE B 23 -9.18 28.36 4.90
N LEU B 24 -8.19 27.44 4.69
CA LEU B 24 -7.74 27.01 3.37
C LEU B 24 -8.91 26.53 2.50
N PHE B 25 -9.87 25.80 3.11
CA PHE B 25 -11.05 25.32 2.40
C PHE B 25 -11.96 26.47 1.99
N PHE B 26 -12.22 27.44 2.91
CA PHE B 26 -13.11 28.55 2.61
C PHE B 26 -12.45 29.53 1.62
N SER B 27 -11.13 29.75 1.75
CA SER B 27 -10.36 30.58 0.81
C SER B 27 -10.49 29.99 -0.60
N MET B 28 -10.40 28.65 -0.71
CA MET B 28 -10.56 27.93 -1.98
C MET B 28 -11.95 28.15 -2.56
N LEU B 29 -13.00 28.18 -1.70
CA LEU B 29 -14.39 28.38 -2.13
C LEU B 29 -14.60 29.83 -2.58
N PHE B 30 -14.08 30.79 -1.80
CA PHE B 30 -14.20 32.22 -2.07
C PHE B 30 -13.55 32.59 -3.41
N ILE B 31 -12.24 32.35 -3.55
CA ILE B 31 -11.44 32.64 -4.74
C ILE B 31 -12.09 32.02 -6.00
N THR B 32 -12.58 30.76 -5.92
CA THR B 32 -13.26 30.12 -7.06
C THR B 32 -14.56 30.85 -7.42
N SER B 33 -15.30 31.36 -6.41
CA SER B 33 -16.56 32.07 -6.58
C SER B 33 -16.33 33.48 -7.16
N LEU B 34 -15.38 34.23 -6.59
CA LEU B 34 -15.02 35.58 -7.00
C LEU B 34 -14.60 35.60 -8.47
N SER B 35 -13.70 34.67 -8.88
CA SER B 35 -13.19 34.58 -10.27
C SER B 35 -14.27 34.21 -11.29
N SER B 36 -15.33 33.47 -10.86
CA SER B 36 -16.41 33.12 -11.80
C SER B 36 -17.31 34.33 -12.02
N ILE B 37 -17.41 35.26 -11.03
CA ILE B 37 -18.16 36.52 -11.16
C ILE B 37 -17.44 37.37 -12.19
N ILE B 38 -16.16 37.64 -11.95
CA ILE B 38 -15.30 38.40 -12.83
C ILE B 38 -15.31 37.84 -14.27
N ILE B 39 -15.00 36.55 -14.47
CA ILE B 39 -14.97 36.00 -15.83
C ILE B 39 -16.37 35.97 -16.52
N SER B 40 -17.49 36.11 -15.78
CA SER B 40 -18.80 36.12 -16.45
C SER B 40 -19.11 37.48 -17.10
N ILE B 41 -18.33 38.50 -16.71
CA ILE B 41 -18.42 39.87 -17.18
C ILE B 41 -17.77 39.96 -18.56
N SER B 42 -16.56 39.34 -18.72
CA SER B 42 -15.70 39.35 -19.93
C SER B 42 -16.42 39.12 -21.29
N PRO B 43 -17.48 38.28 -21.51
CA PRO B 43 -18.09 38.24 -22.87
C PRO B 43 -18.85 39.52 -23.22
N LEU B 44 -19.22 40.32 -22.21
CA LEU B 44 -19.87 41.60 -22.46
C LEU B 44 -18.82 42.54 -22.94
N ILE B 45 -17.70 42.63 -22.21
CA ILE B 45 -16.55 43.48 -22.54
C ILE B 45 -16.15 43.25 -24.00
N LEU B 46 -16.05 41.98 -24.40
CA LEU B 46 -15.70 41.60 -25.76
C LEU B 46 -16.74 42.13 -26.76
N ALA B 47 -18.05 41.99 -26.43
CA ALA B 47 -19.14 42.48 -27.27
C ALA B 47 -19.10 43.99 -27.39
N LYS B 48 -18.83 44.67 -26.25
CA LYS B 48 -18.70 46.13 -26.16
C LYS B 48 -17.52 46.60 -27.00
N ILE B 49 -16.40 45.84 -27.03
CA ILE B 49 -15.23 46.14 -27.89
C ILE B 49 -15.69 45.99 -29.34
N THR B 50 -16.34 44.86 -29.69
CA THR B 50 -16.81 44.58 -31.06
C THR B 50 -17.71 45.68 -31.64
N ASP B 51 -18.81 46.09 -30.95
CA ASP B 51 -19.72 47.10 -31.49
C ASP B 51 -19.04 48.48 -31.66
N LEU B 52 -18.23 48.88 -30.66
CA LEU B 52 -17.47 50.12 -30.64
C LEU B 52 -16.63 50.26 -31.91
N LEU B 53 -16.07 49.14 -32.42
CA LEU B 53 -15.26 49.11 -33.63
C LEU B 53 -16.12 48.94 -34.90
N SER B 54 -17.11 48.03 -34.85
CA SER B 54 -18.00 47.73 -35.98
C SER B 54 -18.90 48.92 -36.33
N GLY B 55 -18.93 49.35 -37.57
CA GLY B 55 -19.84 50.43 -37.92
C GLY B 55 -19.45 51.84 -37.52
N SER B 56 -18.14 52.04 -37.33
CA SER B 56 -17.39 53.30 -37.15
C SER B 56 -16.14 53.13 -37.97
N LEU B 57 -15.72 54.16 -38.71
CA LEU B 57 -14.51 54.10 -39.53
C LEU B 57 -13.38 54.70 -38.77
N SER B 58 -12.95 54.00 -37.71
CA SER B 58 -11.93 54.43 -36.75
C SER B 58 -12.46 55.69 -35.94
N ASN B 59 -13.84 55.91 -35.91
CA ASN B 59 -14.56 56.99 -35.21
C ASN B 59 -15.22 56.54 -33.88
N PHE B 60 -14.37 56.39 -32.87
CA PHE B 60 -14.79 55.96 -31.53
C PHE B 60 -13.81 56.46 -30.48
N SER B 61 -14.19 56.38 -29.20
CA SER B 61 -13.31 56.80 -28.13
C SER B 61 -12.18 55.77 -27.99
N TYR B 62 -10.94 56.13 -28.43
CA TYR B 62 -9.76 55.26 -28.35
C TYR B 62 -9.39 54.98 -26.90
N GLU B 63 -9.74 55.91 -26.00
CA GLU B 63 -9.55 55.83 -24.55
C GLU B 63 -10.52 54.79 -23.96
N TYR B 64 -11.75 54.66 -24.55
CA TYR B 64 -12.77 53.69 -24.13
C TYR B 64 -12.41 52.28 -24.59
N LEU B 65 -11.78 52.14 -25.78
CA LEU B 65 -11.34 50.84 -26.29
C LEU B 65 -10.24 50.32 -25.38
N VAL B 66 -9.28 51.18 -25.01
CA VAL B 66 -8.17 50.85 -24.13
C VAL B 66 -8.74 50.45 -22.75
N LEU B 67 -9.71 51.20 -22.21
CA LEU B 67 -10.37 50.87 -20.93
C LEU B 67 -11.06 49.52 -21.02
N LEU B 68 -11.72 49.24 -22.16
CA LEU B 68 -12.38 47.95 -22.38
C LEU B 68 -11.36 46.83 -22.47
N ALA B 69 -10.28 47.00 -23.30
CA ALA B 69 -9.21 46.01 -23.48
C ALA B 69 -8.49 45.73 -22.16
N CYS B 70 -8.32 46.76 -21.31
CA CYS B 70 -7.69 46.59 -20.01
C CYS B 70 -8.60 45.82 -19.06
N LEU B 71 -9.94 46.07 -19.08
CA LEU B 71 -10.88 45.34 -18.23
C LEU B 71 -10.91 43.86 -18.59
N TYR B 72 -10.88 43.54 -19.91
CA TYR B 72 -10.83 42.15 -20.39
C TYR B 72 -9.54 41.49 -19.92
N MET B 73 -8.42 42.23 -19.91
CA MET B 73 -7.14 41.70 -19.45
C MET B 73 -7.20 41.44 -17.97
N PHE B 74 -7.80 42.34 -17.18
CA PHE B 74 -7.97 42.17 -15.73
C PHE B 74 -8.75 40.89 -15.46
N CYS B 75 -9.81 40.63 -16.24
CA CYS B 75 -10.62 39.41 -16.15
C CYS B 75 -9.72 38.18 -16.32
N VAL B 76 -9.04 38.10 -17.48
CA VAL B 76 -8.13 37.03 -17.85
C VAL B 76 -7.01 36.85 -16.78
N ILE B 77 -6.35 37.94 -16.33
CA ILE B 77 -5.29 37.87 -15.31
C ILE B 77 -5.87 37.37 -13.98
N SER B 78 -6.95 38.00 -13.48
CA SER B 78 -7.54 37.62 -12.19
C SER B 78 -8.03 36.16 -12.22
N ASN B 79 -8.60 35.71 -13.35
CA ASN B 79 -9.04 34.31 -13.47
C ASN B 79 -7.84 33.36 -13.39
N LYS B 80 -6.70 33.69 -14.04
CA LYS B 80 -5.53 32.82 -13.97
C LYS B 80 -4.87 32.88 -12.58
N ALA B 81 -4.77 34.08 -11.98
CA ALA B 81 -4.19 34.21 -10.63
C ALA B 81 -4.98 33.34 -9.66
N SER B 82 -6.33 33.34 -9.82
CA SER B 82 -7.27 32.55 -9.02
C SER B 82 -6.97 31.04 -9.16
N VAL B 83 -6.71 30.55 -10.39
CA VAL B 83 -6.38 29.15 -10.67
C VAL B 83 -5.10 28.76 -9.89
N PHE B 84 -4.02 29.55 -10.04
CA PHE B 84 -2.77 29.31 -9.33
C PHE B 84 -2.95 29.36 -7.82
N LEU B 85 -3.70 30.35 -7.33
CA LEU B 85 -3.96 30.48 -5.91
C LEU B 85 -4.78 29.30 -5.39
N PHE B 86 -5.76 28.83 -6.16
CA PHE B 86 -6.57 27.69 -5.74
C PHE B 86 -5.71 26.44 -5.60
N MET B 87 -4.82 26.16 -6.59
CA MET B 87 -4.03 24.93 -6.52
C MET B 87 -2.99 24.98 -5.39
N ILE B 88 -2.46 26.18 -5.07
CA ILE B 88 -1.54 26.37 -3.94
C ILE B 88 -2.29 26.05 -2.65
N LEU B 89 -3.55 26.57 -2.51
CA LEU B 89 -4.39 26.34 -1.32
C LEU B 89 -4.79 24.88 -1.20
N GLN B 90 -5.07 24.24 -2.36
CA GLN B 90 -5.46 22.83 -2.46
C GLN B 90 -4.38 21.91 -1.87
N SER B 91 -3.12 22.04 -2.37
CA SER B 91 -2.02 21.22 -1.86
C SER B 91 -1.77 21.48 -0.38
N SER B 92 -1.87 22.75 0.06
CA SER B 92 -1.71 23.10 1.47
C SER B 92 -2.77 22.37 2.32
N LEU B 93 -4.04 22.33 1.84
CA LEU B 93 -5.12 21.63 2.52
C LEU B 93 -4.96 20.11 2.47
N ARG B 94 -4.35 19.58 1.40
CA ARG B 94 -4.10 18.13 1.30
C ARG B 94 -3.16 17.74 2.44
N ILE B 95 -1.99 18.41 2.52
CA ILE B 95 -0.96 18.25 3.55
C ILE B 95 -1.59 18.33 4.93
N ASN B 96 -2.40 19.37 5.16
CA ASN B 96 -3.09 19.64 6.41
C ASN B 96 -4.00 18.47 6.82
N MET B 97 -4.94 18.08 5.96
CA MET B 97 -5.89 17.01 6.27
C MET B 97 -5.25 15.61 6.33
N GLN B 98 -4.12 15.40 5.62
CA GLN B 98 -3.40 14.12 5.51
C GLN B 98 -3.12 13.44 6.89
N LYS B 99 -2.33 14.09 7.78
CA LYS B 99 -1.95 13.57 9.09
C LYS B 99 -3.18 13.14 9.90
N LYS B 100 -4.12 14.06 10.14
CA LYS B 100 -5.35 13.81 10.91
C LYS B 100 -6.13 12.59 10.38
N MET B 101 -6.17 12.41 9.04
CA MET B 101 -6.83 11.30 8.35
C MET B 101 -6.16 9.97 8.69
N SER B 102 -4.83 9.93 8.53
CA SER B 102 -4.01 8.74 8.75
C SER B 102 -4.06 8.25 10.21
N LEU B 103 -3.94 9.15 11.20
CA LEU B 103 -3.99 8.75 12.61
C LEU B 103 -5.37 8.21 12.97
N LYS B 104 -6.46 8.90 12.52
CA LYS B 104 -7.84 8.47 12.73
C LYS B 104 -8.04 7.03 12.29
N TYR B 105 -7.36 6.64 11.19
CA TYR B 105 -7.39 5.29 10.63
C TYR B 105 -6.74 4.32 11.59
N LEU B 106 -5.49 4.62 12.01
CA LEU B 106 -4.71 3.76 12.93
C LEU B 106 -5.45 3.57 14.23
N ARG B 107 -5.97 4.67 14.80
CA ARG B 107 -6.73 4.65 16.05
C ARG B 107 -8.04 3.89 15.84
N GLU B 108 -8.64 4.00 14.63
CA GLU B 108 -9.86 3.25 14.32
C GLU B 108 -9.55 1.78 14.19
N LEU B 109 -8.36 1.43 13.70
CA LEU B 109 -7.94 0.04 13.53
C LEU B 109 -7.65 -0.62 14.89
N TYR B 110 -7.13 0.15 15.85
CA TYR B 110 -6.82 -0.32 17.20
C TYR B 110 -8.08 -0.70 17.92
N ASN B 111 -9.17 0.04 17.71
CA ASN B 111 -10.44 -0.21 18.38
C ASN B 111 -11.26 -1.32 17.71
N GLU B 112 -10.77 -1.90 16.60
CA GLU B 112 -11.47 -3.00 15.92
C GLU B 112 -11.23 -4.33 16.63
N ASN B 113 -12.15 -5.28 16.44
CA ASN B 113 -12.06 -6.61 17.05
C ASN B 113 -11.08 -7.47 16.23
N ILE B 114 -10.35 -8.39 16.91
CA ILE B 114 -9.34 -9.33 16.38
C ILE B 114 -9.89 -10.08 15.15
N THR B 115 -11.15 -10.55 15.23
CA THR B 115 -11.84 -11.29 14.17
C THR B 115 -11.94 -10.46 12.88
N ASN B 116 -12.27 -9.17 13.00
CA ASN B 116 -12.40 -8.26 11.86
C ASN B 116 -11.03 -7.79 11.32
N LEU B 117 -10.04 -7.67 12.22
CA LEU B 117 -8.67 -7.27 11.87
C LEU B 117 -7.99 -8.35 11.03
N SER B 118 -8.21 -9.62 11.43
CA SER B 118 -7.62 -10.80 10.81
C SER B 118 -8.10 -11.02 9.36
N LYS B 119 -9.32 -10.51 9.05
CA LYS B 119 -9.99 -10.63 7.76
C LYS B 119 -9.13 -10.20 6.54
N ASN B 120 -8.30 -9.13 6.67
CA ASN B 120 -7.48 -8.56 5.57
C ASN B 120 -6.04 -8.26 5.98
N ASN B 121 -5.09 -8.28 5.01
CA ASN B 121 -3.66 -8.03 5.31
C ASN B 121 -3.29 -6.55 5.32
N ALA B 122 -1.99 -6.25 5.50
CA ALA B 122 -1.45 -4.91 5.53
C ALA B 122 -1.50 -4.28 4.15
N GLY B 123 -1.20 -5.03 3.08
CA GLY B 123 -1.28 -4.55 1.70
C GLY B 123 -2.63 -3.92 1.42
N TYR B 124 -3.71 -4.63 1.82
CA TYR B 124 -5.08 -4.20 1.72
C TYR B 124 -5.33 -2.99 2.62
N THR B 125 -5.11 -3.05 3.95
CA THR B 125 -5.39 -1.87 4.80
C THR B 125 -4.59 -0.60 4.37
N THR B 126 -3.36 -0.78 3.89
CA THR B 126 -2.49 0.30 3.41
C THR B 126 -3.12 0.96 2.15
N GLN B 127 -3.56 0.15 1.15
CA GLN B 127 -4.17 0.69 -0.06
C GLN B 127 -5.59 1.17 0.20
N SER B 128 -6.22 0.69 1.27
CA SER B 128 -7.55 1.17 1.64
C SER B 128 -7.48 2.63 2.08
N LEU B 129 -6.42 3.01 2.82
CA LEU B 129 -6.19 4.38 3.26
C LEU B 129 -5.96 5.25 2.06
N ASN B 130 -5.17 4.73 1.10
CA ASN B 130 -4.82 5.41 -0.15
C ASN B 130 -6.06 5.88 -0.91
N GLN B 131 -6.98 4.93 -1.16
CA GLN B 131 -8.23 5.15 -1.88
C GLN B 131 -9.09 6.17 -1.14
N ALA B 132 -9.23 6.02 0.19
CA ALA B 132 -10.01 6.90 1.04
C ALA B 132 -9.45 8.31 1.04
N SER B 133 -8.10 8.48 1.14
CA SER B 133 -7.45 9.79 1.13
C SER B 133 -7.75 10.54 -0.18
N ASN B 134 -7.56 9.85 -1.30
CA ASN B 134 -7.84 10.36 -2.64
C ASN B 134 -9.32 10.69 -2.77
N ASP B 135 -10.21 9.80 -2.26
CA ASP B 135 -11.65 10.03 -2.28
C ASP B 135 -12.02 11.32 -1.57
N ILE B 136 -11.44 11.57 -0.38
CA ILE B 136 -11.65 12.81 0.36
C ILE B 136 -11.22 13.97 -0.50
N TYR B 137 -9.95 13.93 -1.01
CA TYR B 137 -9.36 14.96 -1.86
C TYR B 137 -10.34 15.45 -2.96
N ILE B 138 -10.82 14.49 -3.79
CA ILE B 138 -11.80 14.70 -4.86
C ILE B 138 -13.02 15.43 -4.30
N LEU B 139 -13.61 14.92 -3.19
CA LEU B 139 -14.81 15.52 -2.59
C LEU B 139 -14.53 16.96 -2.15
N VAL B 140 -13.42 17.20 -1.41
CA VAL B 140 -13.00 18.54 -0.98
C VAL B 140 -12.95 19.46 -2.20
N ARG B 141 -12.28 19.01 -3.31
CA ARG B 141 -12.15 19.80 -4.54
C ARG B 141 -13.52 20.12 -5.16
N ASN B 142 -14.34 19.08 -5.50
CA ASN B 142 -15.66 19.22 -6.12
C ASN B 142 -16.56 20.19 -5.36
N VAL B 143 -16.49 20.17 -4.02
CA VAL B 143 -17.27 21.07 -3.19
C VAL B 143 -16.69 22.50 -3.29
N SER B 144 -15.39 22.67 -3.02
CA SER B 144 -14.75 23.99 -3.01
C SER B 144 -14.65 24.65 -4.38
N GLN B 145 -14.83 23.91 -5.48
CA GLN B 145 -14.64 24.50 -6.80
C GLN B 145 -15.82 24.36 -7.77
N ASN B 146 -16.54 23.24 -7.78
CA ASN B 146 -17.57 23.03 -8.80
C ASN B 146 -19.01 23.18 -8.32
N ILE B 147 -19.25 23.91 -7.23
CA ILE B 147 -20.61 24.13 -6.78
C ILE B 147 -21.05 25.58 -7.11
N LEU B 148 -20.50 26.58 -6.40
CA LEU B 148 -20.85 27.96 -6.61
C LEU B 148 -20.40 28.47 -7.98
N SER B 149 -19.08 28.36 -8.30
CA SER B 149 -18.50 28.83 -9.55
C SER B 149 -19.31 28.46 -10.82
N PRO B 150 -19.67 27.19 -11.13
CA PRO B 150 -20.44 26.94 -12.36
C PRO B 150 -21.87 27.47 -12.31
N VAL B 151 -22.49 27.52 -11.11
CA VAL B 151 -23.83 28.09 -10.93
C VAL B 151 -23.77 29.58 -11.30
N ILE B 152 -22.81 30.35 -10.71
CA ILE B 152 -22.60 31.78 -11.00
C ILE B 152 -22.48 31.99 -12.53
N GLN B 153 -21.53 31.30 -13.19
CA GLN B 153 -21.28 31.41 -14.63
C GLN B 153 -22.49 30.98 -15.47
N LEU B 154 -23.28 30.01 -15.02
CA LEU B 154 -24.45 29.58 -15.79
C LEU B 154 -25.63 30.51 -15.59
N ILE B 155 -25.82 31.06 -14.37
CA ILE B 155 -26.93 31.97 -14.08
C ILE B 155 -26.74 33.25 -14.89
N SER B 156 -25.60 33.94 -14.69
CA SER B 156 -25.25 35.18 -15.39
C SER B 156 -25.40 35.06 -16.92
N THR B 157 -24.92 33.95 -17.50
CA THR B 157 -25.01 33.68 -18.95
C THR B 157 -26.48 33.68 -19.39
N ILE B 158 -27.38 32.92 -18.72
CA ILE B 158 -28.79 32.90 -19.13
C ILE B 158 -29.42 34.28 -18.85
N VAL B 159 -29.17 34.91 -17.67
CA VAL B 159 -29.69 36.24 -17.31
C VAL B 159 -29.33 37.28 -18.39
N VAL B 160 -28.03 37.43 -18.73
CA VAL B 160 -27.55 38.40 -19.74
C VAL B 160 -28.12 38.09 -21.14
N VAL B 161 -28.04 36.83 -21.62
CA VAL B 161 -28.57 36.49 -22.95
C VAL B 161 -30.11 36.70 -22.96
N LEU B 162 -30.80 36.49 -21.81
CA LEU B 162 -32.24 36.75 -21.68
C LEU B 162 -32.49 38.28 -21.75
N SER B 163 -31.60 39.09 -21.12
CA SER B 163 -31.69 40.56 -21.10
C SER B 163 -31.65 41.14 -22.51
N THR B 164 -30.70 40.67 -23.37
CA THR B 164 -30.57 41.13 -24.77
C THR B 164 -31.72 40.60 -25.64
N LYS B 165 -32.77 40.05 -24.99
CA LYS B 165 -34.02 39.50 -25.55
C LYS B 165 -33.77 38.44 -26.65
N ASP B 166 -32.62 37.72 -26.60
CA ASP B 166 -32.35 36.61 -27.51
C ASP B 166 -32.96 35.39 -26.86
N TRP B 167 -34.12 34.96 -27.36
CA TRP B 167 -34.82 33.84 -26.75
C TRP B 167 -34.25 32.53 -27.25
N PHE B 168 -33.96 32.39 -28.57
CA PHE B 168 -33.41 31.15 -29.13
C PHE B 168 -32.07 30.77 -28.50
N SER B 169 -31.17 31.76 -28.31
CA SER B 169 -29.87 31.47 -27.69
C SER B 169 -30.06 31.04 -26.23
N ALA B 170 -30.61 31.93 -25.36
CA ALA B 170 -30.85 31.65 -23.94
C ALA B 170 -31.76 30.42 -23.74
N GLY B 171 -32.60 30.14 -24.72
CA GLY B 171 -33.50 29.01 -24.75
C GLY B 171 -32.73 27.73 -24.90
N VAL B 172 -31.97 27.58 -26.03
CA VAL B 172 -31.13 26.41 -26.35
C VAL B 172 -30.02 26.26 -25.28
N PHE B 173 -29.47 27.37 -24.75
CA PHE B 173 -28.49 27.35 -23.68
C PHE B 173 -29.10 26.65 -22.47
N PHE B 174 -30.26 27.13 -21.96
CA PHE B 174 -30.96 26.52 -20.83
C PHE B 174 -31.42 25.10 -21.16
N LEU B 175 -31.75 24.82 -22.43
CA LEU B 175 -32.14 23.48 -22.84
C LEU B 175 -30.95 22.54 -22.63
N TYR B 176 -29.73 22.96 -23.05
CA TYR B 176 -28.51 22.16 -22.90
C TYR B 176 -28.26 21.80 -21.45
N ILE B 177 -28.16 22.80 -20.53
CA ILE B 177 -27.91 22.50 -19.11
C ILE B 177 -29.00 21.56 -18.57
N LEU B 178 -30.26 21.72 -19.00
CA LEU B 178 -31.33 20.83 -18.57
C LEU B 178 -31.12 19.40 -19.09
N VAL B 179 -30.91 19.21 -20.44
CA VAL B 179 -30.70 17.88 -21.03
C VAL B 179 -29.45 17.24 -20.40
N PHE B 180 -28.36 18.03 -20.23
CA PHE B 180 -27.10 17.60 -19.64
C PHE B 180 -27.29 17.05 -18.21
N VAL B 181 -27.75 17.89 -17.27
CA VAL B 181 -27.95 17.50 -15.86
C VAL B 181 -28.87 16.28 -15.77
N ILE B 182 -29.89 16.16 -16.64
CA ILE B 182 -30.78 14.99 -16.62
C ILE B 182 -29.98 13.75 -17.08
N PHE B 183 -29.50 13.71 -18.35
CA PHE B 183 -28.76 12.62 -18.97
C PHE B 183 -27.63 12.06 -18.09
N ASN B 184 -26.82 12.95 -17.52
CA ASN B 184 -25.69 12.58 -16.70
C ASN B 184 -26.11 11.96 -15.39
N THR B 185 -27.05 12.58 -14.64
CA THR B 185 -27.52 12.01 -13.37
C THR B 185 -28.17 10.64 -13.60
N ARG B 186 -28.78 10.44 -14.78
CA ARG B 186 -29.41 9.18 -15.15
C ARG B 186 -28.35 8.13 -15.57
N LEU B 187 -27.05 8.48 -15.46
CA LEU B 187 -25.92 7.59 -15.75
C LEU B 187 -24.78 7.71 -14.73
N THR B 188 -24.93 8.56 -13.70
CA THR B 188 -23.89 8.78 -12.71
C THR B 188 -23.74 7.52 -11.80
N GLY B 189 -24.83 6.99 -11.24
CA GLY B 189 -24.79 5.81 -10.39
C GLY B 189 -24.18 4.58 -11.05
N SER B 190 -24.50 4.42 -12.34
CA SER B 190 -23.99 3.34 -13.19
C SER B 190 -22.46 3.42 -13.31
N LEU B 191 -21.87 4.63 -13.30
CA LEU B 191 -20.43 4.82 -13.33
C LEU B 191 -19.84 4.52 -11.96
N ALA B 192 -20.45 5.05 -10.88
CA ALA B 192 -20.00 4.89 -9.49
C ALA B 192 -19.86 3.43 -9.10
N SER B 193 -20.87 2.61 -9.46
CA SER B 193 -20.91 1.18 -9.20
C SER B 193 -19.78 0.45 -9.93
N LEU B 194 -19.54 0.82 -11.21
CA LEU B 194 -18.47 0.26 -12.05
C LEU B 194 -17.10 0.65 -11.54
N ARG B 195 -16.99 1.83 -10.94
CA ARG B 195 -15.77 2.39 -10.39
C ARG B 195 -15.46 1.75 -9.01
N LYS B 196 -16.48 1.56 -8.16
CA LYS B 196 -16.32 0.96 -6.83
C LYS B 196 -15.80 -0.44 -7.00
N HIS B 197 -16.52 -1.23 -7.81
CA HIS B 197 -16.19 -2.61 -8.13
C HIS B 197 -14.78 -2.73 -8.64
N SER B 198 -14.30 -1.73 -9.41
CA SER B 198 -12.95 -1.71 -9.93
C SER B 198 -11.93 -1.49 -8.78
N MET B 199 -12.16 -0.46 -7.96
CA MET B 199 -11.33 -0.09 -6.82
C MET B 199 -11.22 -1.20 -5.77
N ASP B 200 -12.25 -2.04 -5.69
CA ASP B 200 -12.30 -3.15 -4.76
C ASP B 200 -11.40 -4.26 -5.29
N ILE B 201 -11.46 -4.52 -6.61
CA ILE B 201 -10.59 -5.52 -7.26
C ILE B 201 -9.16 -5.06 -7.08
N THR B 202 -8.94 -3.73 -7.14
CA THR B 202 -7.62 -3.14 -6.93
C THR B 202 -7.12 -3.48 -5.53
N LEU B 203 -7.99 -3.48 -4.51
CA LEU B 203 -7.59 -3.83 -3.16
C LEU B 203 -7.18 -5.26 -3.15
N ASN B 204 -8.01 -6.15 -3.76
CA ASN B 204 -7.73 -7.59 -3.91
C ASN B 204 -6.35 -7.83 -4.51
N SER B 205 -5.97 -7.05 -5.56
CA SER B 205 -4.69 -7.14 -6.24
C SER B 205 -3.51 -6.72 -5.34
N TYR B 206 -3.65 -5.65 -4.56
CA TYR B 206 -2.60 -5.20 -3.63
C TYR B 206 -2.42 -6.20 -2.48
N SER B 207 -3.55 -6.82 -2.07
CA SER B 207 -3.65 -7.83 -1.04
C SER B 207 -2.82 -9.04 -1.48
N LEU B 208 -2.99 -9.47 -2.73
CA LEU B 208 -2.26 -10.61 -3.29
C LEU B 208 -0.79 -10.30 -3.46
N LEU B 209 -0.42 -9.04 -3.80
CA LEU B 209 0.99 -8.67 -3.94
C LEU B 209 1.68 -8.74 -2.58
N SER B 210 1.08 -8.17 -1.53
CA SER B 210 1.68 -8.18 -0.20
C SER B 210 1.73 -9.61 0.34
N ASP B 211 0.71 -10.44 0.03
CA ASP B 211 0.68 -11.83 0.46
C ASP B 211 1.84 -12.63 -0.17
N THR B 212 2.11 -12.42 -1.48
CA THR B 212 3.21 -13.08 -2.20
C THR B 212 4.54 -12.54 -1.67
N VAL B 213 4.68 -11.21 -1.48
CA VAL B 213 5.92 -10.61 -1.01
C VAL B 213 6.24 -11.07 0.43
N ASP B 214 5.22 -11.19 1.29
CA ASP B 214 5.44 -11.64 2.69
C ASP B 214 5.90 -13.11 2.76
N ASN B 215 5.50 -13.93 1.78
CA ASN B 215 5.89 -15.35 1.72
C ASN B 215 6.78 -15.64 0.51
N MET B 216 7.65 -14.67 0.11
CA MET B 216 8.51 -14.79 -1.07
C MET B 216 9.47 -15.96 -0.96
N ILE B 217 10.17 -16.05 0.20
CA ILE B 217 11.15 -17.06 0.61
C ILE B 217 10.60 -18.45 0.32
N ALA B 218 9.36 -18.71 0.73
CA ALA B 218 8.68 -20.00 0.49
C ALA B 218 8.51 -20.27 -1.00
N ALA B 219 8.05 -19.27 -1.77
CA ALA B 219 7.82 -19.41 -3.20
C ALA B 219 9.12 -19.55 -3.96
N LYS B 220 10.18 -18.86 -3.48
CA LYS B 220 11.54 -18.92 -4.04
C LYS B 220 12.11 -20.33 -3.88
N LYS B 221 12.09 -20.85 -2.65
CA LYS B 221 12.61 -22.15 -2.28
C LYS B 221 11.81 -23.35 -2.87
N ASN B 222 10.58 -23.14 -3.30
CA ASN B 222 9.78 -24.22 -3.89
C ASN B 222 9.80 -24.07 -5.41
N ASN B 223 10.61 -23.10 -5.90
CA ASN B 223 10.76 -22.72 -7.31
C ASN B 223 9.38 -22.50 -7.95
N ALA B 224 8.53 -21.73 -7.27
CA ALA B 224 7.11 -21.56 -7.61
C ALA B 224 6.79 -20.25 -8.35
N LEU B 225 7.78 -19.65 -9.03
CA LEU B 225 7.56 -18.40 -9.77
C LEU B 225 6.31 -18.47 -10.66
N ARG B 226 6.15 -19.56 -11.44
CA ARG B 226 5.00 -19.78 -12.32
C ARG B 226 3.68 -19.65 -11.57
N LEU B 227 3.47 -20.44 -10.46
CA LEU B 227 2.23 -20.43 -9.66
C LEU B 227 1.93 -19.05 -9.08
N ILE B 228 2.98 -18.38 -8.56
CA ILE B 228 2.96 -17.06 -7.94
C ILE B 228 2.59 -15.98 -8.98
N SER B 229 3.32 -15.98 -10.12
CA SER B 229 3.17 -15.05 -11.25
C SER B 229 1.79 -15.17 -11.86
N GLU B 230 1.32 -16.41 -12.11
CA GLU B 230 0.00 -16.63 -12.69
C GLU B 230 -1.14 -16.12 -11.81
N ARG B 231 -1.09 -16.29 -10.47
CA ARG B 231 -2.21 -15.81 -9.65
C ARG B 231 -2.22 -14.28 -9.59
N TYR B 232 -1.06 -13.60 -9.74
CA TYR B 232 -0.99 -12.14 -9.79
C TYR B 232 -1.51 -11.67 -11.15
N GLU B 233 -1.01 -12.27 -12.24
CA GLU B 233 -1.42 -11.99 -13.61
C GLU B 233 -2.93 -12.14 -13.74
N ASP B 234 -3.54 -13.14 -13.07
CA ASP B 234 -5.00 -13.30 -13.09
C ASP B 234 -5.71 -12.12 -12.40
N ALA B 235 -5.18 -11.70 -11.23
CA ALA B 235 -5.68 -10.57 -10.45
C ALA B 235 -5.62 -9.28 -11.26
N LEU B 236 -4.50 -9.06 -11.97
CA LEU B 236 -4.28 -7.90 -12.82
C LEU B 236 -5.25 -7.92 -14.00
N THR B 237 -5.54 -9.10 -14.54
CA THR B 237 -6.50 -9.26 -15.62
C THR B 237 -7.91 -8.92 -15.09
N GLN B 238 -8.25 -9.33 -13.83
CA GLN B 238 -9.54 -8.96 -13.24
C GLN B 238 -9.62 -7.44 -13.06
N GLU B 239 -8.46 -6.79 -12.78
CA GLU B 239 -8.34 -5.36 -12.55
C GLU B 239 -8.56 -4.60 -13.85
N ASN B 240 -7.84 -4.98 -14.93
CA ASN B 240 -7.94 -4.35 -16.23
C ASN B 240 -9.35 -4.42 -16.77
N ASN B 241 -9.96 -5.62 -16.75
CA ASN B 241 -11.31 -5.79 -17.26
C ASN B 241 -12.30 -4.90 -16.52
N ALA B 242 -12.14 -4.75 -15.17
CA ALA B 242 -13.01 -3.89 -14.33
C ALA B 242 -12.82 -2.40 -14.65
N GLN B 243 -11.57 -2.05 -15.06
CA GLN B 243 -11.16 -0.69 -15.41
C GLN B 243 -11.65 -0.33 -16.82
N LYS B 244 -11.53 -1.27 -17.77
CA LYS B 244 -11.99 -1.11 -19.15
C LYS B 244 -13.50 -0.92 -19.20
N LYS B 245 -14.26 -1.62 -18.31
CA LYS B 245 -15.72 -1.50 -18.20
C LYS B 245 -16.11 -0.05 -17.81
N TYR B 246 -15.33 0.59 -16.91
CA TYR B 246 -15.57 1.96 -16.50
C TYR B 246 -15.19 2.88 -17.63
N TRP B 247 -14.03 2.64 -18.25
CA TRP B 247 -13.47 3.42 -19.35
C TRP B 247 -14.47 3.58 -20.47
N LEU B 248 -15.07 2.46 -20.94
CA LEU B 248 -16.07 2.49 -22.01
C LEU B 248 -17.25 3.36 -21.67
N LEU B 249 -17.87 3.14 -20.49
CA LEU B 249 -19.01 3.97 -20.08
C LEU B 249 -18.59 5.43 -20.01
N SER B 250 -17.45 5.70 -19.37
CA SER B 250 -16.90 7.06 -19.24
C SER B 250 -16.71 7.69 -20.60
N SER B 251 -16.11 6.94 -21.55
CA SER B 251 -15.85 7.39 -22.92
C SER B 251 -17.13 7.64 -23.69
N LYS B 252 -18.16 6.80 -23.49
CA LYS B 252 -19.45 6.98 -24.17
C LYS B 252 -20.11 8.25 -23.67
N VAL B 253 -20.26 8.41 -22.33
CA VAL B 253 -20.84 9.61 -21.70
C VAL B 253 -20.16 10.88 -22.29
N LEU B 254 -18.83 10.92 -22.31
CA LEU B 254 -18.06 12.04 -22.86
C LEU B 254 -18.36 12.27 -24.35
N LEU B 255 -18.39 11.20 -25.18
CA LEU B 255 -18.67 11.32 -26.61
CA LEU B 255 -18.67 11.36 -26.62
C LEU B 255 -20.08 11.89 -26.81
N LEU B 256 -21.08 11.30 -26.10
CA LEU B 256 -22.48 11.74 -26.19
C LEU B 256 -22.66 13.17 -25.69
N ASN B 257 -21.97 13.55 -24.60
CA ASN B 257 -22.06 14.93 -24.09
C ASN B 257 -21.45 15.91 -25.06
N SER B 258 -20.40 15.48 -25.79
CA SER B 258 -19.72 16.30 -26.78
C SER B 258 -20.59 16.51 -28.00
N LEU B 259 -21.20 15.42 -28.50
CA LEU B 259 -22.09 15.44 -29.66
C LEU B 259 -23.35 16.25 -29.39
N LEU B 260 -23.86 16.23 -28.14
CA LEU B 260 -25.02 17.03 -27.77
C LEU B 260 -24.66 18.50 -27.82
N ALA B 261 -23.48 18.87 -27.27
CA ALA B 261 -22.97 20.24 -27.25
C ALA B 261 -22.77 20.76 -28.68
N VAL B 262 -22.19 19.93 -29.57
CA VAL B 262 -21.98 20.31 -30.97
C VAL B 262 -23.33 20.58 -31.65
N ILE B 263 -24.33 19.72 -31.43
CA ILE B 263 -25.66 19.88 -32.02
C ILE B 263 -26.36 21.13 -31.45
N LEU B 264 -26.46 21.26 -30.11
CA LEU B 264 -27.15 22.40 -29.52
C LEU B 264 -26.41 23.74 -29.70
N PHE B 265 -25.14 23.83 -29.28
CA PHE B 265 -24.41 25.11 -29.40
C PHE B 265 -24.08 25.45 -30.84
N GLY B 266 -23.97 24.43 -31.70
CA GLY B 266 -23.70 24.62 -33.13
C GLY B 266 -24.86 25.34 -33.80
N SER B 267 -26.10 24.97 -33.40
CA SER B 267 -27.32 25.59 -33.91
C SER B 267 -27.35 27.09 -33.51
N VAL B 268 -27.14 27.40 -32.20
CA VAL B 268 -27.08 28.76 -31.67
C VAL B 268 -26.03 29.57 -32.46
N PHE B 269 -24.91 28.95 -32.90
CA PHE B 269 -23.87 29.62 -33.69
C PHE B 269 -24.36 29.89 -35.13
N ILE B 270 -25.00 28.89 -35.78
CA ILE B 270 -25.51 29.04 -37.14
C ILE B 270 -26.66 30.08 -37.15
N TYR B 271 -27.59 30.01 -36.17
CA TYR B 271 -28.71 30.93 -36.01
C TYR B 271 -28.23 32.38 -35.97
N ASN B 272 -27.24 32.68 -35.11
CA ASN B 272 -26.72 34.02 -34.99
C ASN B 272 -25.87 34.42 -36.21
N ILE B 273 -25.33 33.43 -36.98
CA ILE B 273 -24.61 33.76 -38.24
C ILE B 273 -25.63 34.35 -39.23
N LEU B 274 -26.76 33.62 -39.43
CA LEU B 274 -27.84 34.02 -40.32
C LEU B 274 -28.45 35.35 -39.88
N GLY B 275 -28.58 35.54 -38.55
CA GLY B 275 -29.04 36.78 -37.96
C GLY B 275 -28.12 37.95 -38.30
N VAL B 276 -26.79 37.70 -38.38
CA VAL B 276 -25.80 38.73 -38.73
C VAL B 276 -25.83 39.01 -40.25
N LEU B 277 -26.01 37.95 -41.06
CA LEU B 277 -26.05 38.07 -42.52
C LEU B 277 -27.33 38.78 -42.99
N ASN B 278 -28.42 38.68 -42.23
CA ASN B 278 -29.70 39.28 -42.58
C ASN B 278 -29.97 40.58 -41.77
N GLY B 279 -28.91 41.17 -41.21
CA GLY B 279 -28.97 42.40 -40.41
C GLY B 279 -29.88 42.39 -39.20
N VAL B 280 -30.46 41.22 -38.87
CA VAL B 280 -31.37 40.99 -37.73
C VAL B 280 -30.59 41.09 -36.38
N VAL B 281 -29.35 40.56 -36.35
CA VAL B 281 -28.44 40.51 -35.20
C VAL B 281 -27.16 41.34 -35.49
N SER B 282 -26.70 42.13 -34.50
CA SER B 282 -25.47 42.91 -34.63
C SER B 282 -24.21 42.00 -34.53
N ILE B 283 -23.03 42.47 -34.99
CA ILE B 283 -21.79 41.68 -34.91
C ILE B 283 -21.41 41.56 -33.42
N GLY B 284 -21.54 42.65 -32.67
CA GLY B 284 -21.28 42.69 -31.24
C GLY B 284 -22.03 41.60 -30.50
N HIS B 285 -23.34 41.45 -30.80
CA HIS B 285 -24.18 40.42 -30.19
C HIS B 285 -23.75 39.04 -30.66
N PHE B 286 -23.42 38.89 -31.95
CA PHE B 286 -22.95 37.62 -32.51
C PHE B 286 -21.69 37.16 -31.81
N ILE B 287 -20.74 38.09 -31.57
CA ILE B 287 -19.50 37.79 -30.89
C ILE B 287 -19.82 37.43 -29.43
N MET B 288 -20.80 38.12 -28.78
CA MET B 288 -21.21 37.84 -27.40
C MET B 288 -21.73 36.39 -27.31
N ILE B 289 -22.67 35.99 -28.21
CA ILE B 289 -23.17 34.61 -28.22
C ILE B 289 -22.02 33.64 -28.52
N THR B 290 -21.15 33.95 -29.51
CA THR B 290 -19.97 33.13 -29.80
C THR B 290 -19.12 33.05 -28.52
N SER B 291 -18.84 34.18 -27.84
CA SER B 291 -18.07 34.23 -26.60
C SER B 291 -18.71 33.43 -25.49
N TYR B 292 -20.05 33.41 -25.38
CA TYR B 292 -20.74 32.65 -24.35
C TYR B 292 -20.63 31.16 -24.62
N ILE B 293 -20.86 30.73 -25.88
CA ILE B 293 -20.71 29.32 -26.26
C ILE B 293 -19.35 28.80 -25.81
N ILE B 294 -18.25 29.54 -26.12
CA ILE B 294 -16.88 29.17 -25.75
C ILE B 294 -16.72 29.20 -24.22
N LEU B 295 -17.05 30.31 -23.55
CA LEU B 295 -16.93 30.45 -22.09
C LEU B 295 -17.68 29.34 -21.30
N LEU B 296 -18.89 28.94 -21.76
CA LEU B 296 -19.74 27.95 -21.08
C LEU B 296 -19.14 26.54 -20.93
N SER B 297 -18.14 26.15 -21.77
CA SER B 297 -17.59 24.81 -21.70
C SER B 297 -17.04 24.46 -20.31
N THR B 298 -16.16 25.32 -19.74
CA THR B 298 -15.58 25.05 -18.41
C THR B 298 -16.70 24.91 -17.32
N PRO B 299 -17.72 25.80 -17.12
CA PRO B 299 -18.74 25.48 -16.10
C PRO B 299 -19.52 24.20 -16.42
N VAL B 300 -19.76 23.87 -17.72
CA VAL B 300 -20.42 22.61 -18.10
C VAL B 300 -19.52 21.43 -17.66
N GLU B 301 -18.20 21.55 -17.88
CA GLU B 301 -17.21 20.54 -17.49
C GLU B 301 -17.20 20.36 -15.97
N ASN B 302 -17.18 21.48 -15.22
CA ASN B 302 -17.20 21.46 -13.77
C ASN B 302 -18.51 20.87 -13.22
N ILE B 303 -19.63 21.02 -13.97
CA ILE B 303 -20.91 20.42 -13.52
C ILE B 303 -20.82 18.90 -13.75
N GLY B 304 -20.43 18.49 -14.96
CA GLY B 304 -20.24 17.09 -15.35
C GLY B 304 -19.39 16.32 -14.34
N ALA B 305 -18.26 16.96 -13.95
CA ALA B 305 -17.34 16.48 -12.94
C ALA B 305 -18.07 16.28 -11.63
N LEU B 306 -18.69 17.33 -11.09
CA LEU B 306 -19.44 17.30 -9.84
C LEU B 306 -20.44 16.16 -9.81
N LEU B 307 -21.30 16.06 -10.82
CA LEU B 307 -22.31 15.01 -10.88
C LEU B 307 -21.70 13.61 -10.83
N SER B 308 -20.52 13.43 -11.50
CA SER B 308 -19.82 12.15 -11.49
C SER B 308 -19.02 11.98 -10.19
N GLU B 309 -17.95 12.77 -10.03
CA GLU B 309 -17.02 12.75 -8.93
C GLU B 309 -17.69 12.76 -7.54
N ILE B 310 -18.66 13.66 -7.27
CA ILE B 310 -19.34 13.65 -5.96
C ILE B 310 -19.99 12.28 -5.76
N ARG B 311 -20.84 11.80 -6.69
CA ARG B 311 -21.50 10.51 -6.46
C ARG B 311 -20.53 9.34 -6.38
N GLN B 312 -19.51 9.28 -7.29
CA GLN B 312 -18.59 8.14 -7.25
C GLN B 312 -17.63 8.17 -6.05
N SER B 313 -17.16 9.36 -5.62
CA SER B 313 -16.28 9.38 -4.45
C SER B 313 -17.10 9.23 -3.16
N MET B 314 -18.41 9.46 -3.22
CA MET B 314 -19.25 9.29 -2.05
C MET B 314 -19.54 7.83 -1.84
N SER B 315 -19.73 7.08 -2.94
CA SER B 315 -20.00 5.66 -2.92
C SER B 315 -18.77 4.91 -2.40
N SER B 316 -17.58 5.09 -3.07
CA SER B 316 -16.30 4.45 -2.68
C SER B 316 -15.88 4.84 -1.23
N LEU B 317 -16.23 6.06 -0.79
CA LEU B 317 -15.91 6.45 0.58
C LEU B 317 -16.91 5.86 1.56
N ALA B 318 -18.18 5.69 1.15
CA ALA B 318 -19.19 5.09 2.02
C ALA B 318 -18.74 3.68 2.40
N GLY B 319 -18.39 2.87 1.38
CA GLY B 319 -17.92 1.50 1.51
C GLY B 319 -16.73 1.32 2.44
N PHE B 320 -15.83 2.33 2.48
CA PHE B 320 -14.67 2.33 3.36
C PHE B 320 -15.11 2.54 4.81
N ILE B 321 -15.91 3.59 5.10
CA ILE B 321 -16.43 3.90 6.44
C ILE B 321 -17.20 2.68 7.02
N GLN B 322 -17.91 1.92 6.16
CA GLN B 322 -18.68 0.72 6.53
C GLN B 322 -17.76 -0.38 7.12
N ARG B 323 -16.83 -0.91 6.32
CA ARG B 323 -15.92 -2.00 6.72
C ARG B 323 -14.83 -1.55 7.74
N HIS B 324 -15.05 -0.44 8.48
CA HIS B 324 -14.05 0.06 9.43
C HIS B 324 -14.67 0.72 10.70
N ALA B 325 -16.00 0.99 10.70
CA ALA B 325 -16.70 1.64 11.82
C ALA B 325 -18.02 0.94 12.17
N GLU B 326 -18.15 -0.36 11.76
CA GLU B 326 -19.28 -1.23 12.08
C GLU B 326 -19.24 -1.64 13.60
N ASN B 327 -18.88 -0.66 14.48
CA ASN B 327 -18.73 -0.78 15.95
C ASN B 327 -20.04 -1.23 16.58
N LYS B 328 -20.10 -2.51 16.97
CA LYS B 328 -21.28 -3.15 17.57
C LYS B 328 -21.01 -3.72 18.99
N ALA B 329 -19.80 -3.45 19.54
CA ALA B 329 -19.31 -3.90 20.86
C ALA B 329 -20.26 -3.59 22.05
N THR B 330 -20.20 -2.35 22.62
CA THR B 330 -20.97 -1.81 23.77
C THR B 330 -21.32 -2.94 24.80
N SER B 331 -20.26 -3.62 25.32
CA SER B 331 -20.40 -4.66 26.36
C SER B 331 -20.60 -3.97 27.72
N PRO B 332 -21.67 -4.26 28.52
CA PRO B 332 -21.88 -3.54 29.78
C PRO B 332 -20.77 -3.79 30.81
N SER B 333 -19.69 -2.98 30.73
CA SER B 333 -18.49 -3.06 31.55
C SER B 333 -18.58 -2.18 32.79
N ILE B 334 -17.98 -2.66 33.90
CA ILE B 334 -17.91 -1.94 35.18
C ILE B 334 -16.88 -0.80 34.99
N PRO B 335 -17.26 0.46 35.35
CA PRO B 335 -16.36 1.62 35.13
C PRO B 335 -14.87 1.45 35.57
N PHE B 336 -14.53 1.87 36.81
CA PHE B 336 -13.15 1.79 37.30
C PHE B 336 -13.04 0.74 38.43
N LEU B 337 -13.26 -0.53 38.05
CA LEU B 337 -13.16 -1.69 38.93
C LEU B 337 -11.75 -2.27 38.82
N ASN B 338 -10.82 -1.78 39.68
CA ASN B 338 -9.43 -2.24 39.72
C ASN B 338 -9.37 -3.68 40.23
N MET B 339 -8.48 -4.50 39.64
CA MET B 339 -8.37 -5.91 40.00
C MET B 339 -7.26 -6.15 41.03
N GLU B 340 -7.49 -7.17 41.89
CA GLU B 340 -6.65 -7.60 43.01
C GLU B 340 -5.35 -8.31 42.57
N ARG B 341 -4.47 -8.60 43.57
CA ARG B 341 -3.22 -9.32 43.41
C ARG B 341 -3.47 -10.80 43.12
N LYS B 342 -4.50 -11.37 43.81
CA LYS B 342 -4.88 -12.78 43.75
C LYS B 342 -6.27 -12.96 43.11
N LEU B 343 -6.28 -13.51 41.87
CA LEU B 343 -7.48 -13.77 41.09
C LEU B 343 -7.59 -15.25 40.71
N ASN B 344 -8.81 -15.79 40.87
CA ASN B 344 -9.25 -17.17 40.55
C ASN B 344 -10.22 -17.15 39.36
N LEU B 345 -9.97 -18.03 38.39
CA LEU B 345 -10.76 -18.19 37.17
C LEU B 345 -11.76 -19.33 37.32
N SER B 346 -12.96 -19.14 36.74
CA SER B 346 -14.04 -20.11 36.77
C SER B 346 -14.78 -20.15 35.41
N ILE B 347 -14.47 -21.15 34.59
CA ILE B 347 -15.06 -21.35 33.26
C ILE B 347 -16.23 -22.32 33.43
N ARG B 348 -17.45 -21.87 33.11
CA ARG B 348 -18.65 -22.70 33.30
C ARG B 348 -19.40 -22.95 31.97
N GLU B 349 -19.40 -24.23 31.51
CA GLU B 349 -20.08 -24.76 30.30
C GLU B 349 -19.80 -23.91 29.04
N LEU B 350 -18.52 -23.48 28.89
CA LEU B 350 -18.02 -22.67 27.76
C LEU B 350 -18.10 -23.43 26.46
N SER B 351 -18.74 -22.81 25.47
CA SER B 351 -18.91 -23.33 24.12
C SER B 351 -18.50 -22.26 23.13
N PHE B 352 -17.90 -22.68 22.01
CA PHE B 352 -17.40 -21.75 20.99
C PHE B 352 -17.27 -22.39 19.61
N SER B 353 -17.49 -21.57 18.58
CA SER B 353 -17.32 -21.82 17.14
C SER B 353 -16.68 -20.58 16.54
N TYR B 354 -15.72 -20.76 15.63
CA TYR B 354 -15.02 -19.65 14.99
C TYR B 354 -15.90 -19.04 13.89
N SER B 355 -16.39 -19.94 13.03
CA SER B 355 -17.34 -19.63 11.98
C SER B 355 -18.67 -20.24 12.48
N ASP B 356 -19.20 -21.13 11.67
CA ASP B 356 -20.36 -21.95 11.89
C ASP B 356 -19.93 -23.26 11.32
N ASP B 357 -20.81 -24.26 11.26
CA ASP B 357 -20.46 -25.55 10.68
C ASP B 357 -19.65 -26.40 11.69
N LYS B 358 -18.68 -25.78 12.41
CA LYS B 358 -17.82 -26.50 13.36
C LYS B 358 -17.80 -25.86 14.74
N LYS B 359 -17.93 -26.69 15.80
CA LYS B 359 -17.76 -26.24 17.20
C LYS B 359 -16.39 -26.59 17.63
N ILE B 360 -15.66 -25.62 18.19
CA ILE B 360 -14.28 -25.84 18.61
C ILE B 360 -14.23 -26.23 20.09
N LEU B 361 -15.01 -25.57 20.96
CA LEU B 361 -15.10 -25.88 22.38
C LEU B 361 -16.51 -26.38 22.70
N ASN B 362 -16.62 -27.66 23.14
CA ASN B 362 -17.89 -28.37 23.42
C ASN B 362 -18.63 -27.82 24.64
N SER B 363 -18.13 -28.06 25.86
CA SER B 363 -18.76 -27.51 27.06
C SER B 363 -17.73 -27.47 28.17
N VAL B 364 -16.63 -26.74 27.91
CA VAL B 364 -15.49 -26.62 28.83
C VAL B 364 -15.95 -26.03 30.17
N SER B 365 -15.79 -26.85 31.23
CA SER B 365 -16.05 -26.51 32.62
C SER B 365 -14.75 -26.74 33.37
N LEU B 366 -14.19 -25.65 33.92
CA LEU B 366 -12.91 -25.61 34.63
C LEU B 366 -12.99 -24.68 35.84
N ASP B 367 -12.07 -24.85 36.82
CA ASP B 367 -11.98 -24.03 38.02
C ASP B 367 -10.54 -23.96 38.46
N LEU B 368 -9.97 -22.75 38.40
CA LEU B 368 -8.56 -22.50 38.67
C LEU B 368 -8.40 -21.45 39.78
N PHE B 369 -7.25 -21.50 40.52
CA PHE B 369 -7.02 -20.63 41.67
C PHE B 369 -5.62 -19.98 41.71
N THR B 370 -5.53 -18.86 42.44
CA THR B 370 -4.34 -18.02 42.63
C THR B 370 -3.10 -18.81 43.06
N GLY B 371 -1.92 -18.29 42.70
CA GLY B 371 -0.61 -18.86 43.00
C GLY B 371 -0.34 -20.29 42.58
N LYS B 372 -1.26 -20.91 41.83
CA LYS B 372 -1.10 -22.30 41.39
C LYS B 372 -0.85 -22.38 39.89
N MET B 373 0.06 -23.29 39.48
CA MET B 373 0.39 -23.50 38.07
C MET B 373 -0.43 -24.66 37.49
N TYR B 374 -1.08 -24.46 36.33
CA TYR B 374 -1.89 -25.51 35.69
C TYR B 374 -1.38 -25.78 34.28
N SER B 375 -1.41 -27.05 33.87
CA SER B 375 -0.98 -27.41 32.52
C SER B 375 -2.18 -27.82 31.67
N LEU B 376 -2.19 -27.35 30.41
CA LEU B 376 -3.25 -27.69 29.47
C LEU B 376 -2.62 -28.34 28.25
N THR B 377 -3.07 -29.55 27.89
CA THR B 377 -2.53 -30.26 26.74
C THR B 377 -3.66 -30.99 25.99
N GLY B 378 -3.29 -31.58 24.86
CA GLY B 378 -4.20 -32.29 23.99
C GLY B 378 -3.67 -32.28 22.57
N PRO B 379 -4.33 -32.97 21.61
CA PRO B 379 -3.82 -32.96 20.23
C PRO B 379 -3.99 -31.59 19.52
N SER B 380 -3.16 -31.32 18.46
CA SER B 380 -3.30 -30.07 17.72
C SER B 380 -4.60 -30.08 16.93
N GLY B 381 -5.53 -29.22 17.37
CA GLY B 381 -6.86 -29.08 16.81
C GLY B 381 -7.92 -29.18 17.88
N SER B 382 -7.49 -29.50 19.12
CA SER B 382 -8.36 -29.64 20.29
C SER B 382 -8.97 -28.25 20.66
N GLY B 383 -8.15 -27.22 20.72
CA GLY B 383 -8.58 -25.86 21.02
C GLY B 383 -8.00 -25.30 22.29
N LYS B 384 -6.70 -25.45 22.51
CA LYS B 384 -6.02 -24.94 23.70
C LYS B 384 -5.91 -23.41 23.57
N SER B 385 -5.34 -22.95 22.42
CA SER B 385 -5.19 -21.55 22.03
C SER B 385 -6.54 -20.86 22.04
N THR B 386 -7.56 -21.43 21.34
CA THR B 386 -8.94 -20.94 21.31
C THR B 386 -9.42 -20.58 22.72
N LEU B 387 -9.35 -21.56 23.66
CA LEU B 387 -9.79 -21.42 25.04
C LEU B 387 -9.07 -20.28 25.75
N VAL B 388 -7.72 -20.23 25.69
CA VAL B 388 -6.98 -19.15 26.35
C VAL B 388 -7.25 -17.80 25.65
N LYS B 389 -7.48 -17.79 24.31
CA LYS B 389 -7.80 -16.57 23.56
C LYS B 389 -9.10 -15.95 24.08
N ILE B 390 -10.14 -16.79 24.32
CA ILE B 390 -11.45 -16.41 24.88
C ILE B 390 -11.25 -15.84 26.30
N ILE B 391 -10.39 -16.52 27.11
CA ILE B 391 -10.03 -16.08 28.46
C ILE B 391 -9.34 -14.68 28.36
N SER B 392 -8.53 -14.49 27.28
CA SER B 392 -7.77 -13.27 26.97
C SER B 392 -8.61 -12.22 26.22
N GLY B 393 -9.91 -12.48 26.12
CA GLY B 393 -10.88 -11.60 25.46
C GLY B 393 -10.68 -11.34 23.98
N TYR B 394 -10.13 -12.31 23.23
CA TYR B 394 -9.96 -12.18 21.78
C TYR B 394 -11.32 -12.22 21.10
N TYR B 395 -12.21 -13.09 21.63
CA TYR B 395 -13.55 -13.34 21.13
C TYR B 395 -14.60 -13.17 22.24
N LYS B 396 -15.81 -12.66 21.88
CA LYS B 396 -16.91 -12.33 22.79
C LYS B 396 -18.19 -13.11 22.50
N ASN B 397 -18.35 -13.70 21.29
CA ASN B 397 -19.57 -14.46 21.02
C ASN B 397 -19.33 -15.95 21.42
N TYR B 398 -19.37 -16.16 22.73
CA TYR B 398 -19.25 -17.46 23.34
C TYR B 398 -20.48 -17.79 24.18
N PHE B 399 -20.85 -19.07 24.19
CA PHE B 399 -21.94 -19.60 25.00
C PHE B 399 -21.33 -20.08 26.30
N GLY B 400 -22.01 -19.86 27.40
CA GLY B 400 -21.49 -20.19 28.72
C GLY B 400 -20.95 -18.95 29.41
N ASP B 401 -20.28 -19.13 30.56
CA ASP B 401 -19.80 -17.97 31.34
C ASP B 401 -18.37 -18.16 31.81
N ILE B 402 -17.65 -17.04 32.00
CA ILE B 402 -16.27 -17.02 32.52
C ILE B 402 -16.20 -15.95 33.60
N TYR B 403 -15.79 -16.34 34.82
CA TYR B 403 -15.70 -15.43 35.96
C TYR B 403 -14.25 -15.23 36.41
N LEU B 404 -14.03 -14.12 37.13
CA LEU B 404 -12.75 -13.70 37.68
C LEU B 404 -13.03 -13.15 39.10
N ASN B 405 -13.24 -14.07 40.08
CA ASN B 405 -13.59 -13.75 41.46
C ASN B 405 -14.98 -13.05 41.49
N ASP B 406 -16.03 -13.78 41.02
CA ASP B 406 -17.44 -13.36 40.91
C ASP B 406 -17.73 -12.46 39.69
N ILE B 407 -16.79 -11.56 39.31
CA ILE B 407 -16.90 -10.63 38.17
C ILE B 407 -16.82 -11.41 36.85
N SER B 408 -17.87 -11.29 35.99
CA SER B 408 -17.90 -11.96 34.69
C SER B 408 -17.00 -11.21 33.71
N LEU B 409 -16.44 -11.93 32.70
CA LEU B 409 -15.58 -11.32 31.66
C LEU B 409 -16.36 -10.27 30.86
N ARG B 410 -17.64 -10.57 30.59
CA ARG B 410 -18.59 -9.74 29.86
C ARG B 410 -18.69 -8.33 30.47
N ASN B 411 -18.56 -8.23 31.81
CA ASN B 411 -18.61 -6.96 32.52
C ASN B 411 -17.19 -6.41 32.81
N ILE B 412 -16.13 -6.95 32.15
CA ILE B 412 -14.77 -6.43 32.36
C ILE B 412 -14.33 -5.68 31.10
N SER B 413 -13.81 -4.44 31.28
CA SER B 413 -13.31 -3.61 30.19
C SER B 413 -12.02 -4.20 29.62
N ASP B 414 -11.91 -4.24 28.28
CA ASP B 414 -10.75 -4.79 27.57
C ASP B 414 -9.43 -4.24 28.09
N GLU B 415 -9.40 -3.00 28.59
CA GLU B 415 -8.20 -2.41 29.16
C GLU B 415 -7.85 -3.13 30.49
N ASP B 416 -8.83 -3.28 31.41
CA ASP B 416 -8.68 -3.94 32.72
C ASP B 416 -8.29 -5.42 32.60
N LEU B 417 -8.98 -6.16 31.69
CA LEU B 417 -8.74 -7.57 31.37
C LEU B 417 -7.28 -7.75 30.92
N ASN B 418 -6.79 -6.87 30.03
CA ASN B 418 -5.42 -6.90 29.53
C ASN B 418 -4.40 -6.53 30.62
N ASP B 419 -4.84 -5.87 31.71
CA ASP B 419 -3.96 -5.52 32.82
C ASP B 419 -3.91 -6.68 33.84
N ALA B 420 -5.03 -7.43 33.93
CA ALA B 420 -5.22 -8.57 34.83
C ALA B 420 -4.60 -9.86 34.28
N ILE B 421 -4.72 -10.07 32.97
CA ILE B 421 -4.22 -11.26 32.28
C ILE B 421 -3.11 -10.87 31.31
N TYR B 422 -2.07 -11.70 31.20
CA TYR B 422 -1.05 -11.48 30.19
C TYR B 422 -0.86 -12.77 29.42
N TYR B 423 -1.24 -12.76 28.15
CA TYR B 423 -1.18 -13.90 27.27
C TYR B 423 0.10 -13.87 26.47
N LEU B 424 0.92 -14.93 26.60
CA LEU B 424 2.14 -15.12 25.81
C LEU B 424 1.75 -16.05 24.68
N THR B 425 1.49 -15.43 23.53
CA THR B 425 1.01 -16.00 22.28
C THR B 425 1.92 -17.09 21.70
N GLN B 426 1.27 -18.03 20.96
CA GLN B 426 1.92 -19.13 20.24
C GLN B 426 2.92 -18.56 19.23
N ASP B 427 2.50 -17.53 18.46
CA ASP B 427 3.35 -16.84 17.49
C ASP B 427 3.83 -15.55 18.12
N ASP B 428 5.05 -15.13 17.74
CA ASP B 428 5.65 -13.91 18.24
C ASP B 428 5.24 -12.70 17.38
N TYR B 429 5.08 -11.54 18.04
CA TYR B 429 4.74 -10.28 17.41
C TYR B 429 5.81 -9.25 17.78
N ILE B 430 6.88 -9.21 16.97
CA ILE B 430 7.99 -8.30 17.15
C ILE B 430 7.84 -7.14 16.16
N PHE B 431 7.87 -5.93 16.70
CA PHE B 431 7.74 -4.69 15.95
C PHE B 431 9.04 -4.35 15.29
N MET B 432 8.98 -3.90 14.04
CA MET B 432 10.17 -3.45 13.34
C MET B 432 10.54 -2.09 13.90
N ASP B 433 11.40 -2.11 14.92
CA ASP B 433 11.87 -0.95 15.68
C ASP B 433 13.02 -1.39 16.59
N THR B 434 13.37 -0.55 17.57
CA THR B 434 14.41 -0.85 18.55
C THR B 434 13.89 -1.89 19.54
N LEU B 435 14.82 -2.59 20.20
CA LEU B 435 14.49 -3.56 21.24
C LEU B 435 13.73 -2.81 22.35
N ARG B 436 14.19 -1.58 22.67
CA ARG B 436 13.59 -0.68 23.65
C ARG B 436 12.11 -0.49 23.34
N PHE B 437 11.78 -0.23 22.05
CA PHE B 437 10.40 -0.02 21.61
C PHE B 437 9.56 -1.27 21.85
N ASN B 438 10.11 -2.45 21.47
CA ASN B 438 9.42 -3.73 21.64
C ASN B 438 9.10 -4.04 23.08
N LEU B 439 9.93 -3.57 24.02
CA LEU B 439 9.69 -3.83 25.43
C LEU B 439 8.81 -2.75 26.02
N ARG B 440 8.93 -1.48 25.51
CA ARG B 440 8.10 -0.35 25.97
C ARG B 440 6.62 -0.56 25.61
N LEU B 441 6.34 -1.55 24.72
CA LEU B 441 5.00 -1.96 24.32
C LEU B 441 4.23 -2.46 25.55
N ALA B 442 4.93 -3.19 26.46
CA ALA B 442 4.44 -3.75 27.72
C ALA B 442 4.15 -2.68 28.79
N ASN B 443 5.03 -1.64 28.88
CA ASN B 443 4.88 -0.52 29.81
C ASN B 443 5.62 0.72 29.26
N TYR B 444 4.84 1.74 28.88
CA TYR B 444 5.32 3.00 28.28
C TYR B 444 6.27 3.76 29.22
N ASP B 445 5.86 3.92 30.49
CA ASP B 445 6.56 4.69 31.52
C ASP B 445 7.82 3.99 32.10
N ALA B 446 8.20 2.78 31.62
CA ALA B 446 9.38 2.04 32.08
C ALA B 446 10.70 2.78 31.78
N SER B 447 11.57 2.88 32.80
CA SER B 447 12.88 3.55 32.73
C SER B 447 13.92 2.63 32.08
N GLU B 448 15.06 3.20 31.64
CA GLU B 448 16.16 2.48 30.99
C GLU B 448 16.66 1.27 31.79
N ASN B 449 16.67 1.39 33.14
CA ASN B 449 17.12 0.34 34.05
C ASN B 449 16.08 -0.78 34.17
N GLU B 450 14.78 -0.43 34.40
CA GLU B 450 13.66 -1.39 34.50
C GLU B 450 13.63 -2.32 33.29
N ILE B 451 13.96 -1.76 32.11
CA ILE B 451 13.99 -2.44 30.82
C ILE B 451 15.22 -3.38 30.73
N PHE B 452 16.43 -2.89 31.13
CA PHE B 452 17.65 -3.70 31.10
C PHE B 452 17.60 -4.86 32.14
N LYS B 453 16.97 -4.61 33.32
CA LYS B 453 16.76 -5.59 34.39
C LYS B 453 15.96 -6.79 33.86
N VAL B 454 14.91 -6.48 33.08
CA VAL B 454 13.98 -7.38 32.42
C VAL B 454 14.72 -8.27 31.37
N LEU B 455 15.79 -7.74 30.71
CA LEU B 455 16.56 -8.50 29.73
C LEU B 455 17.23 -9.71 30.40
N LYS B 456 17.78 -9.53 31.61
CA LYS B 456 18.40 -10.61 32.41
C LYS B 456 17.39 -11.70 32.72
N LEU B 457 16.16 -11.31 33.16
CA LEU B 457 15.04 -12.18 33.51
C LEU B 457 14.58 -13.03 32.33
N ALA B 458 14.74 -12.50 31.11
CA ALA B 458 14.37 -13.19 29.88
C ALA B 458 15.59 -13.82 29.22
N ASN B 459 16.79 -13.69 29.86
CA ASN B 459 18.09 -14.17 29.39
C ASN B 459 18.43 -13.56 28.03
N LEU B 460 18.24 -12.24 27.90
CA LEU B 460 18.49 -11.46 26.69
C LEU B 460 19.41 -10.27 26.95
N SER B 461 20.20 -10.33 28.03
CA SER B 461 21.13 -9.25 28.38
C SER B 461 22.49 -9.40 27.65
N VAL B 462 22.82 -10.62 27.19
CA VAL B 462 24.06 -10.96 26.46
C VAL B 462 23.73 -11.97 25.34
N VAL B 463 24.20 -11.69 24.10
CA VAL B 463 24.05 -12.55 22.92
C VAL B 463 25.45 -12.72 22.28
N ASN B 464 25.90 -14.00 22.13
CA ASN B 464 27.20 -14.42 21.57
C ASN B 464 28.37 -13.73 22.29
N ASN B 465 28.40 -13.86 23.64
CA ASN B 465 29.40 -13.28 24.57
C ASN B 465 29.51 -11.72 24.43
N GLU B 466 28.52 -11.08 23.80
CA GLU B 466 28.47 -9.63 23.57
C GLU B 466 27.24 -9.01 24.28
N PRO B 467 27.38 -7.82 24.92
CA PRO B 467 26.21 -7.23 25.60
C PRO B 467 25.17 -6.71 24.62
N VAL B 468 23.91 -7.04 24.88
CA VAL B 468 22.79 -6.64 24.03
C VAL B 468 22.42 -5.16 24.29
N SER B 469 22.36 -4.34 23.21
CA SER B 469 22.00 -2.93 23.28
C SER B 469 20.48 -2.74 23.14
N LEU B 470 19.88 -1.79 23.89
CA LEU B 470 18.44 -1.50 23.83
C LEU B 470 18.06 -0.83 22.50
N ASP B 471 19.06 -0.32 21.78
CA ASP B 471 18.95 0.37 20.50
C ASP B 471 19.14 -0.59 19.31
N THR B 472 19.14 -1.93 19.55
CA THR B 472 19.29 -2.94 18.50
C THR B 472 18.11 -2.82 17.53
N HIS B 473 18.39 -2.52 16.24
CA HIS B 473 17.30 -2.41 15.30
C HIS B 473 16.83 -3.79 14.90
N LEU B 474 15.50 -4.00 14.98
CA LEU B 474 14.87 -5.27 14.66
C LEU B 474 14.13 -5.19 13.35
N ILE B 475 14.59 -5.98 12.37
CA ILE B 475 14.06 -6.15 11.00
C ILE B 475 12.57 -6.61 11.01
N ASN B 476 11.92 -6.62 9.82
CA ASN B 476 10.55 -7.09 9.61
C ASN B 476 10.37 -8.49 10.23
N ARG B 477 9.34 -8.66 11.10
CA ARG B 477 8.99 -9.89 11.84
C ARG B 477 10.11 -10.36 12.80
N GLY B 478 11.03 -9.45 13.12
CA GLY B 478 12.18 -9.71 13.98
C GLY B 478 13.10 -10.84 13.55
N ASN B 479 13.14 -11.15 12.22
CA ASN B 479 13.97 -12.22 11.62
C ASN B 479 15.47 -11.88 11.63
N ASN B 480 15.80 -10.86 12.41
CA ASN B 480 17.10 -10.31 12.77
C ASN B 480 17.64 -11.14 13.96
N TYR B 481 16.69 -11.82 14.63
CA TYR B 481 16.86 -12.63 15.81
C TYR B 481 16.41 -14.07 15.56
N SER B 482 17.02 -15.00 16.31
CA SER B 482 16.74 -16.43 16.29
C SER B 482 15.36 -16.72 16.88
N GLY B 483 14.74 -17.83 16.47
CA GLY B 483 13.42 -18.28 16.93
C GLY B 483 13.21 -18.12 18.43
N GLY B 484 14.19 -18.59 19.21
CA GLY B 484 14.22 -18.50 20.65
C GLY B 484 14.42 -17.08 21.17
N GLN B 485 15.32 -16.29 20.51
CA GLN B 485 15.57 -14.89 20.87
C GLN B 485 14.30 -14.06 20.66
N LYS B 486 13.47 -14.47 19.66
CA LYS B 486 12.19 -13.81 19.39
C LYS B 486 11.25 -14.07 20.59
N GLN B 487 11.13 -15.36 21.02
CA GLN B 487 10.32 -15.80 22.17
C GLN B 487 10.72 -15.07 23.45
N ARG B 488 12.04 -14.81 23.62
CA ARG B 488 12.58 -14.13 24.78
C ARG B 488 12.15 -12.65 24.83
N ILE B 489 11.98 -11.98 23.65
CA ILE B 489 11.48 -10.59 23.57
C ILE B 489 10.10 -10.54 24.21
N SER B 490 9.20 -11.41 23.73
CA SER B 490 7.83 -11.55 24.21
C SER B 490 7.81 -11.91 25.70
N LEU B 491 8.77 -12.74 26.17
CA LEU B 491 8.90 -13.13 27.58
C LEU B 491 9.35 -11.95 28.46
N ALA B 492 10.31 -11.15 27.96
CA ALA B 492 10.82 -9.95 28.64
C ALA B 492 9.70 -8.93 28.88
N ARG B 493 8.70 -8.87 27.95
CA ARG B 493 7.54 -7.98 28.05
C ARG B 493 6.75 -8.27 29.33
N LEU B 494 6.50 -9.56 29.63
CA LEU B 494 5.77 -10.06 30.81
C LEU B 494 6.33 -9.49 32.12
N PHE B 495 7.66 -9.38 32.23
CA PHE B 495 8.33 -8.89 33.43
C PHE B 495 8.04 -7.40 33.72
N LEU B 496 7.73 -6.57 32.69
CA LEU B 496 7.39 -5.14 32.86
C LEU B 496 5.91 -4.96 33.25
N ARG B 497 5.07 -5.90 32.80
CA ARG B 497 3.63 -5.99 33.09
C ARG B 497 3.44 -6.49 34.55
N LYS B 498 2.22 -6.32 35.10
CA LYS B 498 1.91 -6.77 36.47
C LYS B 498 0.56 -7.56 36.47
N PRO B 499 0.51 -8.80 35.93
CA PRO B 499 -0.77 -9.51 35.86
C PRO B 499 -1.07 -10.48 37.02
N ALA B 500 -2.35 -10.83 37.13
CA ALA B 500 -2.88 -11.78 38.10
C ALA B 500 -2.88 -13.18 37.49
N ILE B 501 -3.20 -13.27 36.18
CA ILE B 501 -3.17 -14.51 35.41
C ILE B 501 -2.04 -14.41 34.36
N ILE B 502 -1.26 -15.49 34.17
CA ILE B 502 -0.18 -15.54 33.18
C ILE B 502 -0.37 -16.78 32.29
N ILE B 503 -0.68 -16.60 31.00
CA ILE B 503 -0.85 -17.71 30.07
C ILE B 503 0.42 -17.84 29.20
N ILE B 504 1.01 -19.06 29.14
CA ILE B 504 2.21 -19.33 28.34
C ILE B 504 1.84 -20.36 27.24
N ASP B 505 1.25 -19.90 26.09
CA ASP B 505 0.82 -20.81 25.00
C ASP B 505 1.99 -21.20 24.13
N GLU B 506 2.62 -22.36 24.42
CA GLU B 506 3.77 -22.92 23.70
C GLU B 506 4.83 -21.82 23.41
N ALA B 507 4.86 -20.80 24.31
CA ALA B 507 5.66 -19.58 24.23
C ALA B 507 7.14 -19.78 24.55
N THR B 508 7.54 -21.01 24.94
CA THR B 508 8.92 -21.39 25.27
C THR B 508 9.49 -22.49 24.35
N SER B 509 8.67 -23.04 23.41
CA SER B 509 8.98 -24.15 22.51
C SER B 509 10.31 -24.02 21.75
N ALA B 510 10.69 -22.80 21.32
CA ALA B 510 11.93 -22.55 20.57
C ALA B 510 13.17 -22.44 21.47
N LEU B 511 13.01 -22.41 22.82
CA LEU B 511 14.13 -22.32 23.78
C LEU B 511 14.74 -23.70 24.17
N ASP B 512 16.04 -23.71 24.54
CA ASP B 512 16.75 -24.90 25.03
C ASP B 512 16.36 -25.15 26.49
N TYR B 513 16.58 -26.39 26.97
CA TYR B 513 16.20 -26.89 28.30
C TYR B 513 16.68 -25.97 29.46
N ILE B 514 17.90 -25.41 29.36
CA ILE B 514 18.54 -24.52 30.34
C ILE B 514 17.73 -23.23 30.46
N ASN B 515 17.57 -22.51 29.31
CA ASN B 515 16.86 -21.23 29.17
C ASN B 515 15.41 -21.38 29.59
N GLU B 516 14.71 -22.38 29.02
CA GLU B 516 13.31 -22.67 29.31
C GLU B 516 13.05 -22.71 30.81
N SER B 517 13.82 -23.54 31.54
CA SER B 517 13.72 -23.73 32.98
C SER B 517 14.06 -22.46 33.77
N GLU B 518 15.17 -21.75 33.42
CA GLU B 518 15.61 -20.51 34.08
C GLU B 518 14.56 -19.40 34.00
N ILE B 519 13.96 -19.18 32.80
CA ILE B 519 12.93 -18.15 32.59
C ILE B 519 11.66 -18.54 33.35
N LEU B 520 11.13 -19.77 33.13
CA LEU B 520 9.94 -20.31 33.80
C LEU B 520 10.08 -20.25 35.33
N SER B 521 11.34 -20.35 35.83
CA SER B 521 11.64 -20.24 37.25
C SER B 521 11.50 -18.80 37.69
N SER B 522 12.12 -17.86 36.91
CA SER B 522 12.09 -16.42 37.14
C SER B 522 10.68 -15.87 37.07
N ILE B 523 9.80 -16.48 36.25
CA ILE B 523 8.38 -16.10 36.15
C ILE B 523 7.71 -16.32 37.53
N ARG B 524 7.79 -17.57 38.07
CA ARG B 524 7.19 -17.94 39.36
C ARG B 524 7.77 -17.16 40.53
N THR B 525 9.07 -16.82 40.47
CA THR B 525 9.78 -16.03 41.48
C THR B 525 9.22 -14.59 41.51
N HIS B 526 9.24 -13.92 40.32
CA HIS B 526 8.78 -12.54 40.12
CA HIS B 526 8.78 -12.54 40.12
C HIS B 526 7.28 -12.39 40.34
N PHE B 527 6.49 -13.41 39.97
CA PHE B 527 5.03 -13.40 40.12
C PHE B 527 4.60 -14.59 41.01
N PRO B 528 4.76 -14.46 42.35
CA PRO B 528 4.45 -15.60 43.24
C PRO B 528 2.97 -15.91 43.35
N ASP B 529 2.11 -14.89 43.39
CA ASP B 529 0.66 -15.08 43.54
C ASP B 529 -0.08 -15.24 42.19
N ALA B 530 0.67 -15.29 41.07
CA ALA B 530 0.06 -15.37 39.75
C ALA B 530 -0.44 -16.76 39.38
N LEU B 531 -1.70 -16.87 38.94
CA LEU B 531 -2.32 -18.10 38.40
C LEU B 531 -1.64 -18.35 37.06
N ILE B 532 -1.03 -19.54 36.84
CA ILE B 532 -0.33 -19.77 35.57
C ILE B 532 -0.94 -20.89 34.73
N ILE B 533 -1.44 -20.56 33.52
CA ILE B 533 -1.91 -21.61 32.61
C ILE B 533 -0.76 -21.86 31.64
N ASN B 534 -0.36 -23.14 31.49
CA ASN B 534 0.72 -23.52 30.59
C ASN B 534 0.27 -24.51 29.52
N ILE B 535 0.37 -24.11 28.22
CA ILE B 535 0.03 -25.01 27.11
C ILE B 535 1.34 -25.59 26.57
N SER B 536 1.45 -26.94 26.61
CA SER B 536 2.63 -27.70 26.18
C SER B 536 2.30 -29.15 25.87
N HIS B 537 3.07 -29.75 24.94
CA HIS B 537 3.00 -31.17 24.51
C HIS B 537 4.12 -31.99 25.17
N ARG B 538 4.88 -31.36 26.10
CA ARG B 538 6.05 -31.92 26.77
C ARG B 538 5.84 -32.21 28.27
N ILE B 539 6.19 -33.45 28.65
CA ILE B 539 6.05 -34.06 29.97
C ILE B 539 6.68 -33.21 31.10
N ASN B 540 7.89 -32.67 30.93
CA ASN B 540 8.56 -31.87 31.98
C ASN B 540 7.81 -30.59 32.33
N LEU B 541 7.14 -29.98 31.33
CA LEU B 541 6.36 -28.77 31.55
C LEU B 541 5.01 -29.12 32.18
N LEU B 542 4.51 -30.34 31.91
CA LEU B 542 3.27 -30.90 32.46
C LEU B 542 3.48 -31.40 33.91
N GLU B 543 4.64 -32.01 34.21
CA GLU B 543 5.05 -32.56 35.50
C GLU B 543 5.01 -31.52 36.62
N CYS B 544 5.66 -30.36 36.38
CA CYS B 544 5.86 -29.26 37.31
C CYS B 544 4.55 -28.60 37.80
N SER B 545 3.45 -28.75 37.06
CA SER B 545 2.16 -28.15 37.39
C SER B 545 1.45 -28.78 38.59
N ASP B 546 0.63 -27.97 39.29
CA ASP B 546 -0.19 -28.35 40.44
C ASP B 546 -1.37 -29.23 39.99
N CYS B 547 -1.79 -29.11 38.71
CA CYS B 547 -2.86 -29.89 38.09
C CYS B 547 -2.74 -29.85 36.57
N VAL B 548 -3.10 -30.96 35.89
CA VAL B 548 -3.04 -31.09 34.44
C VAL B 548 -4.46 -31.27 33.89
N TYR B 549 -4.74 -30.59 32.76
CA TYR B 549 -6.02 -30.67 32.06
C TYR B 549 -5.78 -31.13 30.62
N VAL B 550 -6.50 -32.19 30.19
CA VAL B 550 -6.35 -32.77 28.85
C VAL B 550 -7.55 -32.43 28.00
N LEU B 551 -7.35 -31.63 26.94
CA LEU B 551 -8.39 -31.21 26.00
C LEU B 551 -8.38 -32.10 24.76
N ASN B 552 -9.53 -32.69 24.40
CA ASN B 552 -9.65 -33.53 23.21
C ASN B 552 -10.95 -33.20 22.50
N GLU B 553 -10.86 -32.70 21.24
CA GLU B 553 -11.94 -32.29 20.35
C GLU B 553 -12.97 -31.37 21.06
N GLY B 554 -12.46 -30.33 21.70
CA GLY B 554 -13.29 -29.34 22.37
C GLY B 554 -13.64 -29.58 23.82
N ASN B 555 -13.74 -30.84 24.23
CA ASN B 555 -14.09 -31.19 25.61
C ASN B 555 -12.87 -31.59 26.43
N ILE B 556 -12.86 -31.15 27.70
CA ILE B 556 -11.84 -31.48 28.71
C ILE B 556 -12.11 -32.96 29.12
N VAL B 557 -11.22 -33.89 28.69
CA VAL B 557 -11.39 -35.32 28.91
C VAL B 557 -10.71 -35.86 30.20
N ALA B 558 -9.73 -35.13 30.79
CA ALA B 558 -9.03 -35.62 31.99
C ALA B 558 -8.45 -34.51 32.86
N SER B 559 -8.46 -34.71 34.19
CA SER B 559 -7.95 -33.73 35.16
C SER B 559 -7.07 -34.40 36.27
N GLY B 560 -6.53 -33.59 37.19
CA GLY B 560 -5.72 -34.08 38.31
C GLY B 560 -4.23 -34.00 38.08
N HIS B 561 -3.43 -34.63 38.98
CA HIS B 561 -1.96 -34.67 38.94
C HIS B 561 -1.48 -35.45 37.73
N PHE B 562 -0.30 -35.08 37.20
CA PHE B 562 0.29 -35.71 36.02
C PHE B 562 0.52 -37.23 36.26
N ARG B 563 1.07 -37.61 37.43
CA ARG B 563 1.38 -39.00 37.81
C ARG B 563 0.12 -39.87 37.85
N ASP B 564 -0.99 -39.31 38.32
CA ASP B 564 -2.30 -39.97 38.39
C ASP B 564 -2.96 -40.09 37.02
N LEU B 565 -2.40 -39.40 36.00
CA LEU B 565 -2.91 -39.34 34.64
C LEU B 565 -2.07 -40.07 33.61
N MET B 566 -0.75 -40.18 33.83
CA MET B 566 0.19 -40.79 32.90
C MET B 566 -0.11 -42.29 32.60
N VAL B 567 -1.05 -42.90 33.34
CA VAL B 567 -1.47 -44.28 33.11
C VAL B 567 -3.01 -44.29 32.80
N SER B 568 -3.83 -43.53 33.56
CA SER B 568 -5.28 -43.44 33.38
C SER B 568 -5.67 -42.90 31.99
N ASN B 569 -5.12 -41.73 31.59
CA ASN B 569 -5.42 -41.03 30.34
C ASN B 569 -4.65 -41.57 29.11
N GLU B 570 -5.39 -41.75 28.01
CA GLU B 570 -4.95 -42.26 26.71
C GLU B 570 -3.93 -41.33 26.01
N TYR B 571 -4.13 -39.99 26.09
CA TYR B 571 -3.24 -39.02 25.43
C TYR B 571 -1.91 -38.91 26.17
N ILE B 572 -1.93 -38.67 27.51
CA ILE B 572 -0.73 -38.49 28.32
C ILE B 572 0.12 -39.76 28.39
N SER B 573 -0.50 -40.94 28.26
CA SER B 573 0.24 -42.20 28.20
C SER B 573 1.02 -42.26 26.86
N GLY B 574 0.40 -41.72 25.80
CA GLY B 574 0.95 -41.60 24.45
C GLY B 574 2.14 -40.66 24.39
N LEU B 575 2.13 -39.61 25.24
CA LEU B 575 3.23 -38.65 25.38
C LEU B 575 4.35 -39.33 26.15
N ALA B 576 3.98 -39.97 27.30
CA ALA B 576 4.88 -40.71 28.18
C ALA B 576 5.19 -42.11 27.62
N SER B 577 5.55 -42.14 26.32
CA SER B 577 6.02 -43.26 25.52
C SER B 577 7.54 -43.07 25.25
N VAL B 578 8.24 -42.27 26.11
CA VAL B 578 9.68 -41.87 26.01
C VAL B 578 10.67 -42.87 26.73
N THR B 579 10.73 -44.16 26.28
CA THR B 579 11.62 -45.24 26.77
C THR B 579 11.65 -45.34 28.31
PB ADP C . 19.84 -20.46 16.55
O1B ADP C . 19.07 -21.21 15.44
O2B ADP C . 20.97 -21.25 17.09
O3B ADP C . 18.86 -20.10 17.67
PA ADP C . 20.24 -18.51 14.43
O1A ADP C . 20.48 -19.59 13.46
O2A ADP C . 18.87 -17.94 14.18
O3A ADP C . 20.29 -19.07 15.91
O5' ADP C . 21.34 -17.37 14.26
C5' ADP C . 22.47 -17.17 15.12
C4' ADP C . 22.50 -15.73 15.55
O4' ADP C . 22.54 -14.90 14.38
C3' ADP C . 21.28 -15.30 16.34
O3' ADP C . 21.58 -15.47 17.72
C2' ADP C . 21.09 -13.82 15.95
O2' ADP C . 21.65 -12.89 16.86
C1' ADP C . 21.74 -13.74 14.56
N9 ADP C . 20.82 -13.62 13.42
C8 ADP C . 19.94 -14.55 12.93
N7 ADP C . 19.39 -14.24 11.80
C5 ADP C . 19.93 -12.98 11.50
C6 ADP C . 19.74 -12.09 10.44
N6 ADP C . 18.96 -12.35 9.37
N1 ADP C . 20.39 -10.91 10.47
C2 ADP C . 21.20 -10.65 11.51
N3 ADP C . 21.47 -11.42 12.56
C4 ADP C . 20.80 -12.59 12.50
MG MG D . 17.28 -21.66 14.84
V VO4 E . 16.75 -21.82 17.50
O1 VO4 E . 16.56 -23.02 16.02
O2 VO4 E . 16.22 -19.99 17.33
O3 VO4 E . 17.40 -22.46 19.18
O4 VO4 E . 14.96 -22.13 18.09
PB ADP F . -4.92 -26.14 19.33
O1B ADP F . -5.57 -27.34 19.89
O2B ADP F . -4.55 -25.04 20.36
O3B ADP F . -3.66 -26.55 18.58
PA ADP F . -6.53 -23.98 18.03
O1A ADP F . -6.87 -23.37 19.32
O2A ADP F . -5.62 -23.03 17.27
O3A ADP F . -5.84 -25.41 18.26
O5' ADP F . -7.71 -24.37 17.08
C5' ADP F . -8.31 -25.69 16.98
C4' ADP F . -9.24 -25.71 15.80
O4' ADP F . -9.81 -24.40 15.59
C3' ADP F . -8.64 -26.17 14.48
O3' ADP F . -9.29 -27.39 14.10
C2' ADP F . -8.70 -24.95 13.55
O2' ADP F . -9.21 -25.15 12.23
C1' ADP F . -9.59 -23.93 14.27
N9 ADP F . -9.06 -22.57 14.35
C8 ADP F . -8.06 -22.12 15.18
N7 ADP F . -7.90 -20.82 15.16
C5 ADP F . -8.84 -20.38 14.24
C6 ADP F . -9.17 -19.10 13.76
N6 ADP F . -8.59 -17.98 14.17
N1 ADP F . -10.15 -19.02 12.82
C2 ADP F . -10.75 -20.14 12.41
N3 ADP F . -10.53 -21.40 12.80
C4 ADP F . -9.55 -21.45 13.72
MG MG G . -2.70 -23.67 20.01
V VO4 H . -1.45 -26.32 18.77
O1 VO4 H . -1.17 -24.84 19.92
O2 VO4 H . -1.79 -26.02 16.92
O3 VO4 H . -1.33 -28.09 19.50
O4 VO4 H . 0.42 -26.37 18.47
#